data_6WYQ
#
_entry.id   6WYQ
#
_cell.length_a   53.050
_cell.length_b   123.790
_cell.length_c   55.100
_cell.angle_alpha   90.000
_cell.angle_beta   113.520
_cell.angle_gamma   90.000
#
_symmetry.space_group_name_H-M   'P 1 21 1'
#
loop_
_entity.id
_entity.type
_entity.pdbx_description
1 polymer 'Histone deacetylase 6'
2 non-polymer 'ZINC ION'
3 non-polymer 'POTASSIUM ION'
4 non-polymer N~1~-hydroxy-N~8~-(4-iodophenyl)octanediamide
5 water water
#
_entity_poly.entity_id   1
_entity_poly.type   'polypeptide(L)'
_entity_poly.pdbx_seq_one_letter_code
;MGSSHHHHHHSSGLVPRGSHMTGTGLVYVDAFTRFHCLWDASHPECPARVSTVMEMLETEGLLGRCVQVEARAVTEDELL
LVHTKEYVELMKSTQNMTEEELKTLAEKYDSVYLHPGFFSSACLSVGSVLQLVDKVMTSQLRNGFSINRPPGHHAQADKM
NGFCMFNNLAIAARYAQKRHRVQRVLIVDWDVHHGQGIQYIFEEDPSVLYFSVHRYEDGSFWPHLKESDSSSVGSGAGQG
YNINLPWNKVGMESGDYITAFQQLLLPVAYEFQPQLVLVAAGFDAVIGDPLGGMQVSPECFSILTHMLKGVAQGRLVLAL
EGGYNLQSTAEGVCASMRSLLGDPCPHLPSSGAPCESALKSISKTISDLYPFWKSLQTFE
;
_entity_poly.pdbx_strand_id   A,B
#
# COMPACT_ATOMS: atom_id res chain seq x y z
N THR A 22 -1.60 29.55 -30.83
CA THR A 22 -0.29 29.66 -31.45
C THR A 22 0.45 28.33 -31.47
N GLY A 23 1.33 28.11 -30.49
CA GLY A 23 2.11 26.89 -30.43
C GLY A 23 1.89 26.08 -29.17
N THR A 24 2.83 25.18 -28.88
CA THR A 24 2.78 24.28 -27.72
C THR A 24 3.80 24.72 -26.70
N GLY A 25 3.34 25.01 -25.47
CA GLY A 25 4.25 25.44 -24.45
C GLY A 25 4.90 24.28 -23.71
N LEU A 26 6.10 24.55 -23.20
CA LEU A 26 6.88 23.57 -22.44
C LEU A 26 7.53 24.30 -21.28
N VAL A 27 7.32 23.82 -20.05
CA VAL A 27 7.98 24.38 -18.88
C VAL A 27 8.93 23.33 -18.29
N TYR A 28 10.17 23.73 -18.07
CA TYR A 28 11.13 22.90 -17.35
C TYR A 28 12.17 23.82 -16.73
N VAL A 29 12.57 23.51 -15.49
CA VAL A 29 13.62 24.27 -14.82
C VAL A 29 14.56 23.28 -14.11
N ASP A 30 15.85 23.63 -14.08
CA ASP A 30 16.83 22.78 -13.41
C ASP A 30 16.52 22.62 -11.93
N ALA A 31 15.79 23.55 -11.34
CA ALA A 31 15.39 23.38 -9.95
C ALA A 31 14.54 22.14 -9.74
N PHE A 32 13.93 21.59 -10.81
CA PHE A 32 13.23 20.32 -10.70
C PHE A 32 14.15 19.14 -10.37
N THR A 33 15.46 19.31 -10.47
CA THR A 33 16.39 18.25 -10.13
C THR A 33 16.99 18.40 -8.73
N ARG A 34 16.59 19.43 -7.98
CA ARG A 34 17.31 19.85 -6.79
C ARG A 34 16.71 19.29 -5.52
N PHE A 35 16.15 18.09 -5.58
CA PHE A 35 15.75 17.36 -4.38
C PHE A 35 15.75 15.89 -4.73
N HIS A 36 15.97 15.04 -3.72
CA HIS A 36 16.06 13.61 -3.94
C HIS A 36 16.02 12.92 -2.59
N CYS A 37 15.96 11.60 -2.62
CA CYS A 37 15.79 10.82 -1.40
C CYS A 37 17.14 10.66 -0.72
N LEU A 38 17.28 11.25 0.47
CA LEU A 38 18.54 11.26 1.20
C LEU A 38 18.88 9.92 1.85
N TRP A 39 17.91 9.02 2.01
CA TRP A 39 18.13 7.75 2.70
C TRP A 39 18.02 6.54 1.77
N ASP A 40 17.84 6.75 0.48
CA ASP A 40 17.88 5.65 -0.48
C ASP A 40 18.31 6.22 -1.82
N ALA A 41 19.47 5.80 -2.30
CA ALA A 41 20.00 6.29 -3.57
C ALA A 41 19.28 5.72 -4.79
N SER A 42 18.41 4.74 -4.60
CA SER A 42 17.68 4.11 -5.70
C SER A 42 16.20 4.43 -5.67
N HIS A 43 15.77 5.41 -4.87
CA HIS A 43 14.35 5.75 -4.80
C HIS A 43 13.83 6.08 -6.20
N PRO A 44 12.72 5.48 -6.64
CA PRO A 44 12.30 5.67 -8.03
C PRO A 44 11.93 7.11 -8.37
N GLU A 45 11.49 7.91 -7.41
CA GLU A 45 11.17 9.32 -7.66
C GLU A 45 12.45 10.13 -7.49
N CYS A 46 13.17 10.30 -8.59
CA CYS A 46 14.51 10.85 -8.61
C CYS A 46 14.67 11.90 -9.69
N PRO A 47 15.67 12.77 -9.55
CA PRO A 47 15.87 13.83 -10.57
C PRO A 47 16.07 13.31 -11.98
N ALA A 48 16.66 12.12 -12.19
CA ALA A 48 16.88 11.64 -13.54
C ALA A 48 15.60 11.43 -14.33
N ARG A 49 14.44 11.39 -13.66
CA ARG A 49 13.18 11.30 -14.38
C ARG A 49 13.03 12.45 -15.38
N VAL A 50 13.21 13.68 -14.91
CA VAL A 50 12.88 14.83 -15.76
C VAL A 50 14.03 15.16 -16.69
N SER A 51 15.28 14.88 -16.29
CA SER A 51 16.37 15.16 -17.22
C SER A 51 16.39 14.17 -18.38
N THR A 52 16.00 12.92 -18.16
CA THR A 52 15.89 11.98 -19.28
C THR A 52 14.78 12.39 -20.24
N VAL A 53 13.65 12.89 -19.73
CA VAL A 53 12.59 13.36 -20.62
C VAL A 53 13.10 14.49 -21.49
N MET A 54 13.80 15.46 -20.88
CA MET A 54 14.30 16.61 -21.62
C MET A 54 15.35 16.18 -22.66
N GLU A 55 16.18 15.20 -22.32
CA GLU A 55 17.17 14.70 -23.27
C GLU A 55 16.51 14.11 -24.51
N MET A 56 15.43 13.34 -24.32
CA MET A 56 14.79 12.69 -25.47
C MET A 56 13.98 13.68 -26.29
N LEU A 57 13.28 14.61 -25.61
CA LEU A 57 12.57 15.67 -26.31
C LEU A 57 13.52 16.43 -27.24
N GLU A 58 14.77 16.60 -26.82
CA GLU A 58 15.75 17.28 -27.66
C GLU A 58 16.22 16.39 -28.79
N THR A 59 16.70 15.18 -28.47
CA THR A 59 17.22 14.31 -29.53
C THR A 59 16.16 14.01 -30.59
N GLU A 60 14.89 14.02 -30.21
CA GLU A 60 13.78 13.81 -31.14
C GLU A 60 13.35 15.09 -31.85
N GLY A 61 14.00 16.23 -31.59
CA GLY A 61 13.64 17.47 -32.26
C GLY A 61 12.37 18.11 -31.78
N LEU A 62 11.77 17.59 -30.70
CA LEU A 62 10.52 18.14 -30.21
C LEU A 62 10.73 19.38 -29.35
N LEU A 63 11.79 19.40 -28.55
CA LEU A 63 12.02 20.53 -27.65
C LEU A 63 12.07 21.85 -28.41
N GLY A 64 12.84 21.90 -29.50
CA GLY A 64 12.98 23.12 -30.26
C GLY A 64 11.72 23.56 -30.98
N ARG A 65 10.76 22.65 -31.17
CA ARG A 65 9.50 23.03 -31.79
C ARG A 65 8.49 23.60 -30.78
N CYS A 66 8.81 23.56 -29.49
CA CYS A 66 7.95 24.08 -28.44
C CYS A 66 8.31 25.50 -28.07
N VAL A 67 7.32 26.23 -27.59
CA VAL A 67 7.53 27.54 -26.97
C VAL A 67 7.99 27.31 -25.54
N GLN A 68 9.21 27.73 -25.23
CA GLN A 68 9.71 27.65 -23.86
C GLN A 68 8.98 28.66 -22.98
N VAL A 69 8.46 28.20 -21.84
CA VAL A 69 7.66 29.02 -20.95
C VAL A 69 8.36 29.06 -19.59
N GLU A 70 8.47 30.26 -19.03
CA GLU A 70 9.10 30.40 -17.72
C GLU A 70 8.29 29.68 -16.66
N ALA A 71 8.99 29.05 -15.72
CA ALA A 71 8.31 28.63 -14.51
C ALA A 71 8.09 29.83 -13.59
N ARG A 72 7.38 29.60 -12.50
CA ARG A 72 7.28 30.60 -11.46
C ARG A 72 6.89 29.88 -10.19
N ALA A 73 7.14 30.53 -9.05
CA ALA A 73 6.78 29.97 -7.75
C ALA A 73 5.31 30.23 -7.46
N VAL A 74 4.62 29.18 -7.01
CA VAL A 74 3.24 29.35 -6.57
C VAL A 74 3.21 30.35 -5.41
N THR A 75 2.12 31.10 -5.30
CA THR A 75 1.91 31.98 -4.15
C THR A 75 1.15 31.24 -3.05
N GLU A 76 1.19 31.82 -1.85
CA GLU A 76 0.45 31.24 -0.73
C GLU A 76 -1.06 31.28 -1.00
N ASP A 77 -1.57 32.41 -1.47
CA ASP A 77 -2.99 32.50 -1.79
C ASP A 77 -3.38 31.44 -2.83
N GLU A 78 -2.52 31.22 -3.82
CA GLU A 78 -2.75 30.13 -4.77
C GLU A 78 -2.79 28.79 -4.05
N LEU A 79 -1.81 28.52 -3.18
CA LEU A 79 -1.79 27.26 -2.44
C LEU A 79 -3.01 27.12 -1.53
N LEU A 80 -3.48 28.24 -0.98
CA LEU A 80 -4.61 28.19 -0.07
C LEU A 80 -5.91 27.90 -0.81
N LEU A 81 -5.90 27.89 -2.14
CA LEU A 81 -7.08 27.45 -2.89
C LEU A 81 -7.42 26.00 -2.60
N VAL A 82 -6.44 25.23 -2.12
CA VAL A 82 -6.56 23.78 -1.94
C VAL A 82 -6.13 23.36 -0.54
N HIS A 83 -4.98 23.88 -0.09
CA HIS A 83 -4.33 23.45 1.13
C HIS A 83 -4.65 24.39 2.28
N THR A 84 -4.48 23.89 3.51
CA THR A 84 -4.76 24.71 4.69
C THR A 84 -3.57 25.61 4.99
N LYS A 85 -3.83 26.74 5.65
CA LYS A 85 -2.74 27.61 6.07
C LYS A 85 -1.79 26.87 7.00
N GLU A 86 -2.33 25.98 7.84
CA GLU A 86 -1.50 25.18 8.74
C GLU A 86 -0.50 24.32 7.97
N TYR A 87 -0.97 23.65 6.91
CA TYR A 87 -0.11 22.77 6.15
C TYR A 87 0.90 23.56 5.32
N VAL A 88 0.48 24.70 4.75
CA VAL A 88 1.42 25.50 3.96
C VAL A 88 2.58 25.96 4.83
N GLU A 89 2.28 26.47 6.03
CA GLU A 89 3.31 26.97 6.92
C GLU A 89 4.26 25.87 7.36
N LEU A 90 3.71 24.71 7.72
CA LEU A 90 4.57 23.57 8.07
C LEU A 90 5.43 23.16 6.88
N MET A 91 4.88 23.28 5.67
CA MET A 91 5.67 23.02 4.47
C MET A 91 6.79 24.03 4.32
N LYS A 92 6.44 25.32 4.37
CA LYS A 92 7.45 26.37 4.23
C LYS A 92 8.60 26.16 5.22
N SER A 93 8.27 25.68 6.43
CA SER A 93 9.26 25.38 7.46
C SER A 93 10.22 24.27 7.07
N THR A 94 9.93 23.50 6.00
CA THR A 94 10.78 22.37 5.64
C THR A 94 12.15 22.81 5.15
N GLN A 95 12.27 24.03 4.61
CA GLN A 95 13.54 24.46 4.05
C GLN A 95 14.59 24.80 5.10
N ASN A 96 14.23 24.75 6.39
CA ASN A 96 15.15 25.09 7.45
C ASN A 96 15.24 24.03 8.54
N MET A 97 14.67 22.84 8.29
CA MET A 97 14.76 21.72 9.23
C MET A 97 16.03 20.92 9.00
N THR A 98 16.58 20.37 10.09
CA THR A 98 17.68 19.42 9.98
C THR A 98 17.17 18.11 9.36
N GLU A 99 18.13 17.26 8.95
CA GLU A 99 17.75 16.00 8.30
C GLU A 99 16.81 15.20 9.18
N GLU A 100 17.20 14.98 10.44
CA GLU A 100 16.37 14.20 11.35
C GLU A 100 14.96 14.78 11.44
N GLU A 101 14.85 16.10 11.57
CA GLU A 101 13.53 16.72 11.64
C GLU A 101 12.76 16.56 10.34
N LEU A 102 13.45 16.47 9.19
CA LEU A 102 12.79 16.16 7.93
C LEU A 102 12.39 14.69 7.87
N LYS A 103 13.33 13.79 8.17
CA LYS A 103 13.03 12.36 8.21
C LYS A 103 11.89 12.07 9.19
N THR A 104 11.87 12.76 10.33
CA THR A 104 10.82 12.54 11.32
C THR A 104 9.47 13.03 10.84
N LEU A 105 9.43 14.13 10.08
CA LEU A 105 8.15 14.59 9.55
C LEU A 105 7.70 13.76 8.37
N ALA A 106 8.64 13.26 7.57
CA ALA A 106 8.28 12.42 6.43
C ALA A 106 7.60 11.12 6.89
N GLU A 107 8.13 10.51 7.95
CA GLU A 107 7.57 9.26 8.47
C GLU A 107 6.13 9.41 8.95
N LYS A 108 5.66 10.63 9.17
CA LYS A 108 4.28 10.87 9.54
C LYS A 108 3.32 10.75 8.37
N TYR A 109 3.82 10.37 7.20
CA TYR A 109 3.04 10.31 5.97
C TYR A 109 3.26 8.96 5.30
N ASP A 110 2.37 8.63 4.35
CA ASP A 110 2.44 7.39 3.60
C ASP A 110 3.27 7.60 2.34
N SER A 111 4.42 6.92 2.27
CA SER A 111 5.27 6.81 1.06
C SER A 111 5.71 8.20 0.58
N VAL A 112 6.52 8.85 1.41
CA VAL A 112 6.96 10.22 1.16
C VAL A 112 8.36 10.41 1.75
N TYR A 113 9.24 11.05 0.98
CA TYR A 113 10.51 11.51 1.53
C TYR A 113 10.57 13.03 1.50
N LEU A 114 11.55 13.58 2.23
CA LEU A 114 11.73 15.02 2.31
C LEU A 114 13.18 15.38 2.02
N HIS A 115 13.41 16.68 1.79
CA HIS A 115 14.71 17.18 1.37
C HIS A 115 14.70 18.68 1.57
N PRO A 116 15.84 19.28 1.95
CA PRO A 116 15.86 20.74 2.19
C PRO A 116 15.31 21.56 1.03
N GLY A 117 15.45 21.07 -0.20
CA GLY A 117 14.96 21.76 -1.37
C GLY A 117 13.57 21.35 -1.86
N PHE A 118 12.89 20.44 -1.15
CA PHE A 118 11.60 19.93 -1.64
C PHE A 118 10.60 21.06 -1.77
N PHE A 119 10.40 21.85 -0.71
CA PHE A 119 9.42 22.93 -0.73
C PHE A 119 9.65 23.88 -1.90
N SER A 120 10.91 24.25 -2.16
CA SER A 120 11.18 25.18 -3.26
C SER A 120 10.83 24.56 -4.61
N SER A 121 11.28 23.32 -4.85
CA SER A 121 10.94 22.69 -6.11
C SER A 121 9.44 22.45 -6.24
N ALA A 122 8.77 22.11 -5.14
CA ALA A 122 7.33 21.89 -5.20
C ALA A 122 6.57 23.16 -5.53
N CYS A 123 7.05 24.31 -5.06
CA CYS A 123 6.40 25.56 -5.44
C CYS A 123 6.56 25.82 -6.93
N LEU A 124 7.73 25.50 -7.48
CA LEU A 124 7.94 25.68 -8.92
C LEU A 124 7.19 24.63 -9.73
N SER A 125 7.00 23.45 -9.17
CA SER A 125 6.20 22.42 -9.83
C SER A 125 4.75 22.87 -9.99
N VAL A 126 4.17 23.45 -8.93
CA VAL A 126 2.82 23.99 -9.05
C VAL A 126 2.80 25.16 -10.04
N GLY A 127 3.72 26.11 -9.86
CA GLY A 127 3.70 27.30 -10.69
C GLY A 127 3.88 26.99 -12.16
N SER A 128 4.66 25.96 -12.48
CA SER A 128 4.84 25.57 -13.87
C SER A 128 3.50 25.31 -14.54
N VAL A 129 2.57 24.68 -13.81
CA VAL A 129 1.26 24.40 -14.38
C VAL A 129 0.45 25.68 -14.53
N LEU A 130 0.50 26.56 -13.52
CA LEU A 130 -0.27 27.80 -13.57
C LEU A 130 0.21 28.70 -14.70
N GLN A 131 1.53 28.71 -14.97
CA GLN A 131 2.05 29.42 -16.13
C GLN A 131 1.42 28.92 -17.42
N LEU A 132 1.29 27.59 -17.57
CA LEU A 132 0.71 27.04 -18.78
C LEU A 132 -0.79 27.31 -18.86
N VAL A 133 -1.50 27.21 -17.73
CA VAL A 133 -2.91 27.57 -17.72
C VAL A 133 -3.08 29.02 -18.17
N ASP A 134 -2.21 29.91 -17.71
CA ASP A 134 -2.27 31.30 -18.14
C ASP A 134 -2.19 31.43 -19.65
N LYS A 135 -1.17 30.82 -20.26
CA LYS A 135 -0.95 31.01 -21.68
C LYS A 135 -2.00 30.29 -22.50
N VAL A 136 -2.50 29.16 -22.01
CA VAL A 136 -3.53 28.43 -22.77
C VAL A 136 -4.88 29.14 -22.65
N MET A 137 -5.21 29.67 -21.47
CA MET A 137 -6.52 30.27 -21.30
C MET A 137 -6.66 31.62 -22.00
N THR A 138 -5.54 32.30 -22.28
CA THR A 138 -5.52 33.59 -22.94
C THR A 138 -5.20 33.47 -24.43
N SER A 139 -5.20 32.25 -24.97
CA SER A 139 -4.92 31.97 -26.37
C SER A 139 -3.51 32.39 -26.80
N GLN A 140 -2.60 32.58 -25.84
CA GLN A 140 -1.20 32.76 -26.21
C GLN A 140 -0.60 31.47 -26.75
N LEU A 141 -1.05 30.33 -26.24
CA LEU A 141 -0.62 29.02 -26.75
C LEU A 141 -1.83 28.13 -26.94
N ARG A 142 -1.64 27.08 -27.76
CA ARG A 142 -2.70 26.11 -28.01
C ARG A 142 -2.83 25.09 -26.87
N ASN A 143 -1.71 24.71 -26.29
CA ASN A 143 -1.66 23.67 -25.26
C ASN A 143 -0.28 23.74 -24.64
N GLY A 144 0.00 22.83 -23.71
CA GLY A 144 1.31 22.86 -23.10
C GLY A 144 1.53 21.65 -22.22
N PHE A 145 2.78 21.49 -21.82
CA PHE A 145 3.25 20.34 -21.06
C PHE A 145 4.30 20.83 -20.07
N SER A 146 4.07 20.58 -18.79
CA SER A 146 5.07 20.86 -17.76
C SER A 146 5.83 19.58 -17.44
N ILE A 147 7.15 19.62 -17.60
CA ILE A 147 7.99 18.47 -17.26
C ILE A 147 8.44 18.64 -15.82
N ASN A 148 7.51 18.48 -14.87
CA ASN A 148 7.75 18.88 -13.49
C ASN A 148 7.86 17.69 -12.56
N ARG A 149 8.61 17.88 -11.47
CA ARG A 149 8.57 17.08 -10.25
C ARG A 149 8.86 18.06 -9.11
N PRO A 150 8.32 17.83 -7.91
CA PRO A 150 7.57 16.62 -7.50
C PRO A 150 6.19 16.48 -8.15
N PRO A 151 5.70 15.26 -8.24
CA PRO A 151 4.32 15.05 -8.72
C PRO A 151 3.29 15.59 -7.72
N GLY A 152 2.00 15.50 -8.06
CA GLY A 152 1.02 16.13 -7.21
C GLY A 152 -0.27 15.39 -6.88
N HIS A 153 -0.67 14.39 -7.67
CA HIS A 153 -2.09 14.04 -7.61
C HIS A 153 -2.49 13.29 -6.33
N HIS A 154 -1.53 12.89 -5.50
CA HIS A 154 -1.87 12.34 -4.19
C HIS A 154 -1.91 13.37 -3.06
N ALA A 155 -1.33 14.55 -3.24
CA ALA A 155 -1.27 15.51 -2.14
C ALA A 155 -2.68 15.94 -1.74
N GLN A 156 -2.89 16.13 -0.44
CA GLN A 156 -4.23 16.42 0.07
C GLN A 156 -4.20 17.73 0.83
N ALA A 157 -5.39 18.18 1.27
CA ALA A 157 -5.53 19.53 1.81
C ALA A 157 -4.53 19.80 2.93
N ASP A 158 -4.23 18.78 3.74
CA ASP A 158 -3.36 18.96 4.89
C ASP A 158 -2.37 17.81 5.05
N LYS A 159 -2.03 17.09 3.97
CA LYS A 159 -1.19 15.91 4.07
C LYS A 159 -0.31 15.74 2.85
N MET A 160 0.96 15.40 3.08
CA MET A 160 1.77 14.78 2.03
C MET A 160 1.26 13.38 1.76
N ASN A 161 1.57 12.86 0.58
CA ASN A 161 1.19 11.49 0.26
C ASN A 161 1.83 11.10 -1.06
N GLY A 162 2.34 9.87 -1.13
CA GLY A 162 2.74 9.26 -2.39
C GLY A 162 3.69 10.07 -3.25
N PHE A 163 4.81 10.50 -2.66
CA PHE A 163 5.85 11.31 -3.32
C PHE A 163 5.41 12.74 -3.60
N CYS A 164 4.26 13.18 -3.09
CA CYS A 164 3.67 14.48 -3.43
C CYS A 164 3.58 15.37 -2.20
N MET A 165 3.90 16.66 -2.38
CA MET A 165 3.71 17.70 -1.36
C MET A 165 2.50 18.58 -1.63
N PHE A 166 2.36 19.10 -2.85
CA PHE A 166 1.26 19.96 -3.22
C PHE A 166 0.54 19.38 -4.45
N ASN A 167 -0.76 19.58 -4.52
CA ASN A 167 -1.54 18.96 -5.60
C ASN A 167 -1.58 19.94 -6.77
N ASN A 168 -0.54 19.85 -7.60
CA ASN A 168 -0.36 20.67 -8.80
C ASN A 168 -1.66 20.93 -9.56
N LEU A 169 -2.34 19.87 -10.00
CA LEU A 169 -3.50 20.08 -10.86
C LEU A 169 -4.72 20.55 -10.09
N ALA A 170 -4.86 20.15 -8.82
CA ALA A 170 -6.00 20.65 -8.05
C ALA A 170 -5.89 22.16 -7.83
N ILE A 171 -4.67 22.64 -7.58
CA ILE A 171 -4.45 24.08 -7.49
C ILE A 171 -4.71 24.75 -8.85
N ALA A 172 -4.21 24.13 -9.93
CA ALA A 172 -4.39 24.74 -11.24
C ALA A 172 -5.87 24.82 -11.62
N ALA A 173 -6.64 23.78 -11.27
CA ALA A 173 -8.07 23.80 -11.58
C ALA A 173 -8.76 24.98 -10.90
N ARG A 174 -8.54 25.14 -9.59
CA ARG A 174 -9.18 26.23 -8.87
C ARG A 174 -8.62 27.57 -9.32
N TYR A 175 -7.32 27.61 -9.63
CA TYR A 175 -6.72 28.84 -10.14
C TYR A 175 -7.39 29.28 -11.44
N ALA A 176 -7.56 28.35 -12.38
CA ALA A 176 -8.24 28.66 -13.63
C ALA A 176 -9.65 29.20 -13.38
N GLN A 177 -10.34 28.67 -12.37
CA GLN A 177 -11.70 29.11 -12.07
C GLN A 177 -11.70 30.53 -11.53
N LYS A 178 -10.73 30.86 -10.69
CA LYS A 178 -10.67 32.19 -10.08
C LYS A 178 -10.11 33.23 -11.05
N ARG A 179 -8.89 33.00 -11.56
CA ARG A 179 -8.22 34.05 -12.33
C ARG A 179 -8.80 34.18 -13.74
N HIS A 180 -9.20 33.08 -14.37
CA HIS A 180 -9.65 33.11 -15.76
C HIS A 180 -11.15 32.88 -15.90
N ARG A 181 -11.91 32.96 -14.81
CA ARG A 181 -13.36 32.90 -14.85
C ARG A 181 -13.85 31.63 -15.54
N VAL A 182 -13.08 30.54 -15.41
CA VAL A 182 -13.48 29.26 -15.98
C VAL A 182 -14.57 28.67 -15.10
N GLN A 183 -15.63 28.15 -15.72
CA GLN A 183 -16.69 27.48 -14.97
C GLN A 183 -16.36 26.02 -14.72
N ARG A 184 -16.00 25.28 -15.78
CA ARG A 184 -15.89 23.83 -15.69
C ARG A 184 -14.51 23.36 -16.14
N VAL A 185 -13.89 22.52 -15.31
CA VAL A 185 -12.57 21.95 -15.59
C VAL A 185 -12.68 20.43 -15.56
N LEU A 186 -12.11 19.80 -16.57
CA LEU A 186 -11.96 18.34 -16.64
C LEU A 186 -10.53 17.99 -16.28
N ILE A 187 -10.36 17.07 -15.32
CA ILE A 187 -9.07 16.49 -14.96
C ILE A 187 -9.05 15.02 -15.36
N VAL A 188 -8.15 14.66 -16.25
CA VAL A 188 -7.97 13.31 -16.76
C VAL A 188 -6.68 12.77 -16.18
N ASP A 189 -6.73 11.63 -15.48
CA ASP A 189 -5.58 11.16 -14.73
C ASP A 189 -5.25 9.75 -15.26
N TRP A 190 -4.30 9.66 -16.20
CA TRP A 190 -3.96 8.37 -16.80
C TRP A 190 -2.70 7.74 -16.20
N ASP A 191 -2.17 8.35 -15.15
CA ASP A 191 -1.16 7.71 -14.33
C ASP A 191 -1.70 6.37 -13.81
N VAL A 192 -0.80 5.42 -13.55
CA VAL A 192 -1.27 4.09 -13.18
C VAL A 192 -1.83 4.03 -11.76
N HIS A 193 -1.56 5.04 -10.94
CA HIS A 193 -2.08 5.13 -9.58
C HIS A 193 -3.32 6.02 -9.56
N HIS A 194 -4.24 5.71 -8.64
CA HIS A 194 -5.41 6.56 -8.42
C HIS A 194 -4.99 7.88 -7.78
N GLY A 195 -5.46 9.00 -8.35
CA GLY A 195 -5.17 10.28 -7.75
C GLY A 195 -6.15 10.62 -6.65
N GLN A 196 -6.10 9.89 -5.52
CA GLN A 196 -7.13 10.06 -4.51
C GLN A 196 -7.15 11.47 -3.94
N GLY A 197 -6.00 12.16 -3.96
CA GLY A 197 -5.97 13.54 -3.50
C GLY A 197 -6.85 14.44 -4.33
N ILE A 198 -6.76 14.31 -5.66
CA ILE A 198 -7.65 15.09 -6.52
C ILE A 198 -9.10 14.70 -6.27
N GLN A 199 -9.37 13.40 -6.16
CA GLN A 199 -10.73 12.96 -5.88
C GLN A 199 -11.29 13.65 -4.64
N TYR A 200 -10.54 13.60 -3.54
CA TYR A 200 -11.03 14.15 -2.27
C TYR A 200 -11.27 15.64 -2.36
N ILE A 201 -10.36 16.37 -3.00
CA ILE A 201 -10.49 17.82 -3.04
C ILE A 201 -11.78 18.22 -3.74
N PHE A 202 -12.15 17.50 -4.80
CA PHE A 202 -13.29 17.89 -5.61
C PHE A 202 -14.48 16.94 -5.44
N GLU A 203 -14.51 16.16 -4.37
CA GLU A 203 -15.50 15.10 -4.22
C GLU A 203 -16.93 15.65 -4.26
N GLU A 204 -17.15 16.84 -3.70
CA GLU A 204 -18.49 17.44 -3.63
C GLU A 204 -18.71 18.51 -4.70
N ASP A 205 -17.81 18.62 -5.66
CA ASP A 205 -17.72 19.79 -6.53
C ASP A 205 -18.09 19.38 -7.94
N PRO A 206 -19.26 19.80 -8.46
CA PRO A 206 -19.64 19.42 -9.81
C PRO A 206 -18.96 20.22 -10.90
N SER A 207 -18.23 21.28 -10.54
CA SER A 207 -17.55 22.14 -11.51
C SER A 207 -16.21 21.59 -11.94
N VAL A 208 -15.69 20.58 -11.24
CA VAL A 208 -14.42 19.95 -11.58
C VAL A 208 -14.69 18.47 -11.71
N LEU A 209 -14.70 17.97 -12.93
CA LEU A 209 -14.93 16.56 -13.18
C LEU A 209 -13.59 15.82 -13.16
N TYR A 210 -13.46 14.83 -12.28
CA TYR A 210 -12.24 14.06 -12.15
C TYR A 210 -12.45 12.67 -12.73
N PHE A 211 -11.60 12.29 -13.67
CA PHE A 211 -11.59 10.95 -14.23
C PHE A 211 -10.21 10.34 -14.00
N SER A 212 -10.19 9.14 -13.41
CA SER A 212 -8.93 8.44 -13.19
C SER A 212 -9.07 7.00 -13.66
N VAL A 213 -8.11 6.54 -14.47
CA VAL A 213 -7.98 5.12 -14.79
C VAL A 213 -6.69 4.65 -14.13
N HIS A 214 -6.77 3.51 -13.41
CA HIS A 214 -5.68 3.16 -12.52
C HIS A 214 -5.70 1.67 -12.21
N ARG A 215 -4.52 1.16 -11.85
CA ARG A 215 -4.41 -0.19 -11.32
C ARG A 215 -4.99 -0.20 -9.91
N TYR A 216 -5.78 -1.23 -9.61
CA TYR A 216 -6.54 -1.25 -8.35
C TYR A 216 -6.48 -2.64 -7.71
N GLU A 217 -6.91 -3.66 -8.45
CA GLU A 217 -6.86 -5.06 -7.99
C GLU A 217 -7.55 -5.22 -6.63
N ASP A 218 -8.78 -4.74 -6.56
CA ASP A 218 -9.65 -4.88 -5.39
C ASP A 218 -9.04 -4.27 -4.14
N GLY A 219 -8.04 -3.40 -4.31
CA GLY A 219 -7.38 -2.74 -3.21
C GLY A 219 -5.98 -3.23 -2.91
N SER A 220 -5.49 -4.28 -3.59
CA SER A 220 -4.17 -4.79 -3.27
C SER A 220 -3.06 -3.85 -3.75
N PHE A 221 -3.36 -2.97 -4.70
CA PHE A 221 -2.36 -2.06 -5.24
C PHE A 221 -2.46 -0.70 -4.59
N TRP A 222 -1.30 -0.11 -4.28
CA TRP A 222 -1.24 1.21 -3.67
C TRP A 222 -2.08 2.19 -4.48
N PRO A 223 -2.88 3.06 -3.83
CA PRO A 223 -2.91 3.34 -2.38
C PRO A 223 -3.86 2.48 -1.51
N HIS A 224 -4.37 1.37 -2.04
CA HIS A 224 -5.16 0.41 -1.25
C HIS A 224 -6.43 1.02 -0.67
N LEU A 225 -7.20 1.73 -1.51
CA LEU A 225 -8.38 2.45 -1.05
C LEU A 225 -9.64 1.96 -1.74
N LYS A 226 -10.65 1.55 -0.96
CA LYS A 226 -11.96 1.27 -1.55
C LYS A 226 -12.51 2.49 -2.28
N GLU A 227 -12.11 3.70 -1.87
CA GLU A 227 -12.47 4.93 -2.57
C GLU A 227 -11.95 4.98 -4.01
N SER A 228 -11.01 4.12 -4.40
CA SER A 228 -10.52 4.07 -5.77
C SER A 228 -11.39 3.23 -6.70
N ASP A 229 -12.38 2.53 -6.14
CA ASP A 229 -13.30 1.74 -6.95
C ASP A 229 -14.32 2.65 -7.65
N SER A 230 -14.97 2.10 -8.67
CA SER A 230 -15.89 2.91 -9.48
C SER A 230 -17.18 3.24 -8.75
N SER A 231 -17.45 2.62 -7.60
CA SER A 231 -18.63 2.99 -6.84
C SER A 231 -18.50 4.37 -6.20
N SER A 232 -17.31 4.96 -6.18
CA SER A 232 -17.11 6.32 -5.69
C SER A 232 -17.36 7.29 -6.85
N VAL A 233 -18.56 7.83 -6.93
CA VAL A 233 -18.96 8.67 -8.06
C VAL A 233 -19.04 10.14 -7.67
N GLY A 234 -18.59 10.49 -6.47
CA GLY A 234 -18.75 11.80 -5.90
C GLY A 234 -19.89 11.84 -4.91
N SER A 235 -19.95 12.92 -4.12
CA SER A 235 -20.99 13.00 -3.10
C SER A 235 -21.72 14.34 -3.17
N GLY A 236 -22.97 14.31 -2.75
CA GLY A 236 -23.77 15.52 -2.74
C GLY A 236 -23.92 16.06 -4.14
N ALA A 237 -23.74 17.37 -4.29
CA ALA A 237 -23.79 17.98 -5.62
C ALA A 237 -22.75 17.39 -6.57
N GLY A 238 -21.67 16.83 -6.04
CA GLY A 238 -20.61 16.22 -6.84
C GLY A 238 -20.96 14.87 -7.44
N GLN A 239 -22.14 14.32 -7.14
CA GLN A 239 -22.49 13.01 -7.64
C GLN A 239 -22.47 12.97 -9.18
N GLY A 240 -21.71 12.04 -9.73
CA GLY A 240 -21.55 11.89 -11.17
C GLY A 240 -20.32 12.58 -11.73
N TYR A 241 -19.62 13.37 -10.91
CA TYR A 241 -18.47 14.16 -11.35
C TYR A 241 -17.16 13.62 -10.83
N ASN A 242 -17.15 12.36 -10.43
CA ASN A 242 -15.95 11.63 -10.09
C ASN A 242 -16.07 10.27 -10.72
N ILE A 243 -15.12 9.90 -11.57
CA ILE A 243 -15.24 8.70 -12.40
C ILE A 243 -13.96 7.90 -12.25
N ASN A 244 -14.04 6.76 -11.58
CA ASN A 244 -12.89 5.86 -11.41
C ASN A 244 -13.04 4.66 -12.33
N LEU A 245 -11.99 4.35 -13.08
CA LEU A 245 -11.94 3.12 -13.86
C LEU A 245 -10.82 2.26 -13.28
N PRO A 246 -11.15 1.26 -12.45
CA PRO A 246 -10.12 0.45 -11.81
C PRO A 246 -9.76 -0.80 -12.62
N TRP A 247 -8.48 -1.02 -12.84
CA TRP A 247 -7.98 -2.24 -13.46
C TRP A 247 -7.76 -3.30 -12.38
N ASN A 248 -8.27 -4.51 -12.61
CA ASN A 248 -8.14 -5.57 -11.63
C ASN A 248 -7.29 -6.75 -12.10
N LYS A 249 -6.58 -6.59 -13.22
CA LYS A 249 -5.60 -7.56 -13.70
C LYS A 249 -4.44 -6.77 -14.29
N VAL A 250 -3.21 -7.28 -14.11
CA VAL A 250 -2.03 -6.59 -14.63
C VAL A 250 -1.95 -6.77 -16.15
N GLY A 251 -0.98 -6.11 -16.77
CA GLY A 251 -0.70 -6.29 -18.19
C GLY A 251 -1.66 -5.62 -19.15
N MET A 252 -2.36 -4.56 -18.73
CA MET A 252 -3.25 -3.87 -19.66
C MET A 252 -2.44 -3.24 -20.79
N GLU A 253 -3.10 -3.07 -21.94
CA GLU A 253 -2.46 -2.64 -23.18
C GLU A 253 -3.18 -1.43 -23.77
N SER A 254 -2.66 -0.96 -24.90
CA SER A 254 -3.20 0.25 -25.54
C SER A 254 -4.67 0.09 -25.88
N GLY A 255 -5.07 -1.09 -26.34
CA GLY A 255 -6.48 -1.32 -26.65
C GLY A 255 -7.39 -1.17 -25.45
N ASP A 256 -6.91 -1.52 -24.26
CA ASP A 256 -7.71 -1.33 -23.05
C ASP A 256 -7.96 0.15 -22.79
N TYR A 257 -6.93 0.98 -22.96
CA TYR A 257 -7.08 2.42 -22.73
C TYR A 257 -7.87 3.08 -23.84
N ILE A 258 -7.62 2.69 -25.09
CA ILE A 258 -8.37 3.27 -26.21
C ILE A 258 -9.85 3.01 -26.03
N THR A 259 -10.21 1.76 -25.68
CA THR A 259 -11.62 1.43 -25.48
C THR A 259 -12.21 2.27 -24.36
N ALA A 260 -11.50 2.36 -23.22
CA ALA A 260 -11.96 3.19 -22.10
C ALA A 260 -12.25 4.63 -22.53
N PHE A 261 -11.34 5.22 -23.31
CA PHE A 261 -11.51 6.61 -23.71
C PHE A 261 -12.67 6.76 -24.68
N GLN A 262 -12.79 5.86 -25.65
CA GLN A 262 -13.79 6.04 -26.69
C GLN A 262 -15.21 5.91 -26.13
N GLN A 263 -15.43 4.93 -25.24
CA GLN A 263 -16.80 4.64 -24.84
C GLN A 263 -17.17 5.16 -23.45
N LEU A 264 -16.20 5.68 -22.68
CA LEU A 264 -16.49 6.19 -21.33
C LEU A 264 -16.10 7.66 -21.15
N LEU A 265 -14.82 8.00 -21.27
CA LEU A 265 -14.39 9.35 -20.91
C LEU A 265 -14.85 10.39 -21.92
N LEU A 266 -14.59 10.14 -23.20
CA LEU A 266 -14.87 11.16 -24.20
C LEU A 266 -16.36 11.43 -24.35
N PRO A 267 -17.24 10.41 -24.34
CA PRO A 267 -18.68 10.74 -24.28
C PRO A 267 -19.03 11.63 -23.10
N VAL A 268 -18.54 11.29 -21.90
CA VAL A 268 -18.80 12.13 -20.74
C VAL A 268 -18.17 13.51 -20.92
N ALA A 269 -16.97 13.57 -21.50
CA ALA A 269 -16.28 14.85 -21.66
C ALA A 269 -17.09 15.79 -22.55
N TYR A 270 -17.48 15.33 -23.75
CA TYR A 270 -18.24 16.17 -24.66
C TYR A 270 -19.56 16.60 -24.04
N GLU A 271 -20.18 15.73 -23.24
CA GLU A 271 -21.39 16.11 -22.55
C GLU A 271 -21.12 17.13 -21.44
N PHE A 272 -19.97 17.03 -20.77
CA PHE A 272 -19.65 17.95 -19.68
C PHE A 272 -19.29 19.35 -20.23
N GLN A 273 -18.75 19.42 -21.44
CA GLN A 273 -18.33 20.67 -22.05
C GLN A 273 -17.42 21.50 -21.14
N PRO A 274 -16.25 20.97 -20.76
CA PRO A 274 -15.32 21.77 -19.96
C PRO A 274 -14.73 22.90 -20.80
N GLN A 275 -14.22 23.90 -20.10
CA GLN A 275 -13.50 25.01 -20.72
C GLN A 275 -11.98 24.86 -20.60
N LEU A 276 -11.51 23.85 -19.87
CA LEU A 276 -10.10 23.58 -19.72
C LEU A 276 -9.93 22.11 -19.40
N VAL A 277 -8.90 21.47 -19.97
CA VAL A 277 -8.59 20.08 -19.66
C VAL A 277 -7.18 20.01 -19.06
N LEU A 278 -7.07 19.42 -17.87
CA LEU A 278 -5.78 19.18 -17.23
C LEU A 278 -5.53 17.68 -17.19
N VAL A 279 -4.32 17.26 -17.56
CA VAL A 279 -3.98 15.85 -17.57
C VAL A 279 -2.92 15.59 -16.52
N ALA A 280 -3.27 14.75 -15.55
CA ALA A 280 -2.28 14.12 -14.69
C ALA A 280 -1.52 13.11 -15.53
N ALA A 281 -0.46 13.58 -16.18
CA ALA A 281 0.23 12.80 -17.21
C ALA A 281 1.32 12.00 -16.52
N GLY A 282 0.91 10.87 -15.94
CA GLY A 282 1.86 9.89 -15.48
C GLY A 282 2.10 8.86 -16.57
N PHE A 283 3.28 8.24 -16.54
CA PHE A 283 3.60 7.25 -17.56
C PHE A 283 4.08 5.95 -16.93
N ASP A 284 3.60 5.65 -15.72
CA ASP A 284 3.91 4.38 -15.10
C ASP A 284 3.03 3.23 -15.58
N ALA A 285 2.08 3.47 -16.47
CA ALA A 285 1.40 2.38 -17.15
C ALA A 285 2.11 1.95 -18.42
N VAL A 286 3.17 2.64 -18.83
CA VAL A 286 3.90 2.27 -20.04
C VAL A 286 4.67 0.99 -19.78
N ILE A 287 4.74 0.13 -20.80
CA ILE A 287 5.48 -1.13 -20.68
C ILE A 287 6.90 -0.82 -20.24
N GLY A 288 7.38 -1.60 -19.29
CA GLY A 288 8.71 -1.42 -18.76
C GLY A 288 8.78 -0.70 -17.44
N ASP A 289 7.68 -0.06 -17.02
CA ASP A 289 7.70 0.61 -15.73
C ASP A 289 7.86 -0.44 -14.63
N PRO A 290 8.75 -0.21 -13.66
CA PRO A 290 8.98 -1.20 -12.61
C PRO A 290 7.92 -1.21 -11.52
N LEU A 291 6.97 -0.27 -11.55
CA LEU A 291 5.92 -0.15 -10.54
C LEU A 291 4.55 -0.55 -11.05
N GLY A 292 4.15 -0.04 -12.22
CA GLY A 292 2.75 -0.11 -12.60
C GLY A 292 2.29 -1.44 -13.14
N GLY A 293 3.22 -2.28 -13.59
CA GLY A 293 2.86 -3.61 -14.05
C GLY A 293 1.93 -3.67 -15.23
N MET A 294 1.91 -2.62 -16.05
CA MET A 294 1.09 -2.55 -17.25
C MET A 294 1.96 -2.65 -18.50
N GLN A 295 1.30 -2.82 -19.64
CA GLN A 295 1.96 -3.08 -20.92
C GLN A 295 1.56 -2.07 -21.99
N VAL A 296 1.25 -0.83 -21.59
CA VAL A 296 0.82 0.16 -22.56
C VAL A 296 2.02 0.63 -23.38
N SER A 297 1.84 0.71 -24.70
CA SER A 297 2.93 1.22 -25.51
C SER A 297 2.97 2.76 -25.42
N PRO A 298 4.16 3.35 -25.47
CA PRO A 298 4.24 4.82 -25.35
C PRO A 298 3.45 5.54 -26.42
N GLU A 299 3.34 4.96 -27.63
CA GLU A 299 2.62 5.60 -28.71
C GLU A 299 1.12 5.67 -28.45
N CYS A 300 0.60 4.82 -27.57
CA CYS A 300 -0.81 4.91 -27.21
C CYS A 300 -1.16 6.31 -26.73
N PHE A 301 -0.24 6.98 -26.03
CA PHE A 301 -0.54 8.30 -25.49
C PHE A 301 -0.59 9.37 -26.59
N SER A 302 -0.06 9.10 -27.78
CA SER A 302 -0.36 9.99 -28.90
C SER A 302 -1.84 9.97 -29.22
N ILE A 303 -2.45 8.79 -29.21
CA ILE A 303 -3.88 8.65 -29.52
C ILE A 303 -4.74 9.24 -28.41
N LEU A 304 -4.41 8.94 -27.14
CA LEU A 304 -5.19 9.50 -26.04
C LEU A 304 -5.09 11.02 -26.02
N THR A 305 -3.89 11.56 -26.22
CA THR A 305 -3.75 13.02 -26.27
C THR A 305 -4.59 13.60 -27.40
N HIS A 306 -4.53 13.00 -28.59
CA HIS A 306 -5.31 13.46 -29.74
C HIS A 306 -6.79 13.57 -29.40
N MET A 307 -7.34 12.54 -28.76
CA MET A 307 -8.77 12.55 -28.42
C MET A 307 -9.11 13.75 -27.56
N LEU A 308 -8.25 14.10 -26.60
CA LEU A 308 -8.54 15.16 -25.67
C LEU A 308 -8.51 16.52 -26.33
N LYS A 309 -7.74 16.66 -27.44
CA LYS A 309 -7.68 17.94 -28.14
C LYS A 309 -9.02 18.32 -28.76
N GLY A 310 -9.96 17.38 -28.85
CA GLY A 310 -11.27 17.70 -29.39
C GLY A 310 -12.21 18.43 -28.44
N VAL A 311 -11.87 18.47 -27.16
CA VAL A 311 -12.72 19.09 -26.13
C VAL A 311 -12.10 20.43 -25.73
N ALA A 312 -12.95 21.36 -25.30
CA ALA A 312 -12.52 22.62 -24.67
C ALA A 312 -11.68 23.49 -25.63
N GLN A 313 -12.02 23.48 -26.93
CA GLN A 313 -11.21 24.16 -27.94
C GLN A 313 -9.75 23.69 -27.91
N GLY A 314 -9.54 22.47 -27.44
CA GLY A 314 -8.17 21.96 -27.32
C GLY A 314 -7.33 22.62 -26.26
N ARG A 315 -7.95 23.34 -25.34
CA ARG A 315 -7.24 23.98 -24.24
C ARG A 315 -6.84 22.90 -23.23
N LEU A 316 -5.59 22.43 -23.36
CA LEU A 316 -5.15 21.17 -22.79
C LEU A 316 -3.78 21.43 -22.18
N VAL A 317 -3.62 21.11 -20.90
CA VAL A 317 -2.34 21.21 -20.20
C VAL A 317 -2.03 19.88 -19.56
N LEU A 318 -0.90 19.28 -19.94
CA LEU A 318 -0.40 18.05 -19.35
C LEU A 318 0.66 18.39 -18.31
N ALA A 319 0.62 17.70 -17.18
CA ALA A 319 1.63 17.87 -16.15
C ALA A 319 2.15 16.51 -15.69
N LEU A 320 3.47 16.38 -15.61
CA LEU A 320 4.09 15.12 -15.26
C LEU A 320 3.69 14.67 -13.86
N GLU A 321 3.21 13.44 -13.75
CA GLU A 321 2.94 12.83 -12.45
C GLU A 321 3.98 11.72 -12.25
N GLY A 322 3.55 10.46 -12.24
CA GLY A 322 4.45 9.34 -12.06
C GLY A 322 5.08 8.87 -13.36
N GLY A 323 5.85 7.79 -13.25
CA GLY A 323 6.59 7.26 -14.40
C GLY A 323 8.04 7.07 -14.01
N TYR A 324 8.47 5.81 -13.88
CA TYR A 324 9.73 5.51 -13.21
C TYR A 324 10.75 4.75 -14.04
N ASN A 325 10.39 4.26 -15.21
CA ASN A 325 11.37 3.79 -16.19
C ASN A 325 11.80 5.02 -17.00
N LEU A 326 13.07 5.40 -16.87
CA LEU A 326 13.53 6.66 -17.44
C LEU A 326 13.26 6.71 -18.94
N GLN A 327 13.51 5.61 -19.63
CA GLN A 327 13.32 5.56 -21.07
C GLN A 327 11.85 5.45 -21.43
N SER A 328 11.09 4.63 -20.71
CA SER A 328 9.68 4.45 -21.04
C SER A 328 8.89 5.73 -20.78
N THR A 329 9.26 6.47 -19.73
CA THR A 329 8.56 7.72 -19.44
C THR A 329 8.94 8.79 -20.46
N ALA A 330 10.23 8.85 -20.82
CA ALA A 330 10.62 9.78 -21.87
C ALA A 330 9.85 9.51 -23.17
N GLU A 331 9.72 8.23 -23.56
CA GLU A 331 8.99 7.91 -24.78
C GLU A 331 7.52 8.24 -24.66
N GLY A 332 6.93 8.04 -23.49
CA GLY A 332 5.54 8.41 -23.28
C GLY A 332 5.31 9.91 -23.37
N VAL A 333 6.22 10.70 -22.77
CA VAL A 333 6.12 12.16 -22.93
C VAL A 333 6.27 12.56 -24.39
N CYS A 334 7.21 11.92 -25.09
CA CYS A 334 7.45 12.28 -26.48
C CYS A 334 6.24 12.00 -27.36
N ALA A 335 5.58 10.86 -27.15
CA ALA A 335 4.39 10.55 -27.95
C ALA A 335 3.26 11.53 -27.68
N SER A 336 3.06 11.89 -26.41
CA SER A 336 2.08 12.93 -26.07
C SER A 336 2.43 14.25 -26.74
N MET A 337 3.70 14.63 -26.69
CA MET A 337 4.13 15.91 -27.25
C MET A 337 3.89 15.97 -28.75
N ARG A 338 4.15 14.87 -29.46
CA ARG A 338 3.92 14.84 -30.89
C ARG A 338 2.47 15.20 -31.21
N SER A 339 1.53 14.70 -30.41
CA SER A 339 0.12 15.01 -30.64
CA SER A 339 0.12 15.01 -30.64
C SER A 339 -0.20 16.46 -30.29
N LEU A 340 0.35 16.97 -29.18
CA LEU A 340 0.16 18.39 -28.86
C LEU A 340 0.65 19.27 -29.99
N LEU A 341 1.74 18.89 -30.64
CA LEU A 341 2.34 19.69 -31.71
C LEU A 341 1.61 19.55 -33.04
N GLY A 342 0.67 18.61 -33.16
CA GLY A 342 -0.10 18.42 -34.38
C GLY A 342 0.41 17.36 -35.32
N ASP A 343 1.34 16.52 -34.88
CA ASP A 343 1.89 15.48 -35.75
C ASP A 343 0.85 14.38 -35.99
N PRO A 344 0.95 13.65 -37.10
CA PRO A 344 -0.08 12.65 -37.42
C PRO A 344 -0.11 11.54 -36.37
N CYS A 345 -1.30 10.97 -36.18
CA CYS A 345 -1.42 9.90 -35.21
C CYS A 345 -0.60 8.70 -35.66
N PRO A 346 0.14 8.08 -34.75
CA PRO A 346 1.01 6.95 -35.14
C PRO A 346 0.17 5.72 -35.45
N HIS A 347 0.82 4.76 -36.10
CA HIS A 347 0.25 3.43 -36.22
C HIS A 347 0.58 2.64 -34.96
N LEU A 348 -0.41 1.98 -34.39
CA LEU A 348 -0.10 1.23 -33.19
C LEU A 348 0.03 -0.24 -33.50
N PRO A 349 1.14 -0.88 -33.12
CA PRO A 349 1.30 -2.32 -33.40
C PRO A 349 0.40 -3.22 -32.57
N SER A 350 -0.47 -2.66 -31.73
CA SER A 350 -1.35 -3.44 -30.88
C SER A 350 -2.80 -3.30 -31.31
N SER A 351 -3.64 -4.16 -30.75
CA SER A 351 -5.07 -4.18 -30.99
C SER A 351 -5.74 -5.22 -30.10
N PRO A 354 -9.83 -4.93 -26.37
CA PRO A 354 -9.48 -4.94 -24.94
C PRO A 354 -9.64 -6.33 -24.29
N CYS A 355 -8.90 -6.59 -23.21
CA CYS A 355 -8.96 -7.91 -22.58
C CYS A 355 -10.25 -8.07 -21.77
N GLU A 356 -10.48 -9.30 -21.31
CA GLU A 356 -11.72 -9.58 -20.59
C GLU A 356 -11.82 -8.74 -19.32
N SER A 357 -10.73 -8.68 -18.55
CA SER A 357 -10.74 -7.94 -17.31
C SER A 357 -11.01 -6.45 -17.54
N ALA A 358 -10.42 -5.90 -18.61
CA ALA A 358 -10.60 -4.47 -18.90
C ALA A 358 -12.05 -4.15 -19.23
N LEU A 359 -12.68 -4.95 -20.09
CA LEU A 359 -14.06 -4.69 -20.46
C LEU A 359 -15.00 -4.84 -19.27
N LYS A 360 -14.70 -5.80 -18.39
CA LYS A 360 -15.51 -5.94 -17.18
C LYS A 360 -15.44 -4.67 -16.34
N SER A 361 -14.24 -4.07 -16.22
CA SER A 361 -14.08 -2.80 -15.52
C SER A 361 -14.86 -1.68 -16.19
N ILE A 362 -14.77 -1.58 -17.53
CA ILE A 362 -15.44 -0.48 -18.23
C ILE A 362 -16.95 -0.58 -18.09
N SER A 363 -17.52 -1.79 -18.25
CA SER A 363 -18.96 -1.97 -18.06
C SER A 363 -19.40 -1.54 -16.68
N LYS A 364 -18.65 -1.94 -15.65
CA LYS A 364 -19.06 -1.64 -14.29
C LYS A 364 -18.99 -0.14 -14.00
N THR A 365 -17.94 0.54 -14.49
CA THR A 365 -17.87 1.98 -14.31
C THR A 365 -19.02 2.69 -15.02
N ILE A 366 -19.28 2.29 -16.27
CA ILE A 366 -20.42 2.83 -17.01
C ILE A 366 -21.69 2.64 -16.23
N SER A 367 -21.87 1.44 -15.67
CA SER A 367 -23.07 1.17 -14.88
C SER A 367 -23.17 2.12 -13.69
N ASP A 368 -22.05 2.34 -12.98
CA ASP A 368 -22.11 3.23 -11.83
C ASP A 368 -22.40 4.68 -12.23
N LEU A 369 -21.97 5.08 -13.43
CA LEU A 369 -22.13 6.48 -13.86
C LEU A 369 -23.30 6.67 -14.82
N TYR A 370 -23.88 5.59 -15.34
CA TYR A 370 -25.07 5.63 -16.20
C TYR A 370 -26.10 6.70 -15.82
N PRO A 371 -26.59 6.80 -14.58
CA PRO A 371 -27.70 7.71 -14.31
C PRO A 371 -27.36 9.18 -14.40
N PHE A 372 -26.09 9.54 -14.52
CA PHE A 372 -25.70 10.94 -14.53
C PHE A 372 -25.30 11.46 -15.90
N TRP A 373 -25.21 10.60 -16.93
CA TRP A 373 -24.69 11.01 -18.24
C TRP A 373 -25.48 10.33 -19.36
N LYS A 374 -26.20 11.12 -20.15
CA LYS A 374 -26.99 10.57 -21.25
C LYS A 374 -26.11 9.92 -22.30
N SER A 375 -24.92 10.48 -22.55
CA SER A 375 -24.01 9.93 -23.55
C SER A 375 -23.58 8.50 -23.23
N LEU A 376 -23.86 8.03 -22.00
CA LEU A 376 -23.53 6.68 -21.61
C LEU A 376 -24.71 5.72 -21.77
N GLN A 377 -25.88 6.22 -22.13
CA GLN A 377 -27.11 5.47 -21.90
C GLN A 377 -27.50 4.68 -23.14
N THR A 378 -27.03 3.44 -23.20
CA THR A 378 -27.52 2.47 -24.15
C THR A 378 -27.72 1.10 -23.51
N GLY B 23 -0.30 -32.48 25.58
CA GLY B 23 -1.22 -32.28 24.48
C GLY B 23 -1.06 -30.96 23.71
N THR B 24 -1.86 -30.81 22.66
CA THR B 24 -1.85 -29.62 21.82
C THR B 24 -3.19 -28.92 21.93
N GLY B 25 -3.18 -27.68 22.44
CA GLY B 25 -4.41 -26.93 22.59
C GLY B 25 -4.86 -26.27 21.30
N LEU B 26 -6.17 -26.16 21.13
CA LEU B 26 -6.76 -25.50 19.97
C LEU B 26 -7.89 -24.62 20.48
N VAL B 27 -7.90 -23.34 20.10
CA VAL B 27 -9.01 -22.45 20.43
C VAL B 27 -9.70 -22.00 19.14
N TYR B 28 -11.02 -22.16 19.12
CA TYR B 28 -11.85 -21.65 18.05
C TYR B 28 -13.24 -21.39 18.61
N VAL B 29 -13.83 -20.23 18.27
CA VAL B 29 -15.21 -19.94 18.65
C VAL B 29 -15.94 -19.38 17.44
N ASP B 30 -17.25 -19.65 17.40
CA ASP B 30 -18.08 -19.23 16.29
C ASP B 30 -18.11 -17.71 16.14
N ALA B 31 -17.87 -16.99 17.25
CA ALA B 31 -17.82 -15.53 17.19
C ALA B 31 -16.73 -15.00 16.27
N PHE B 32 -15.73 -15.82 15.95
CA PHE B 32 -14.71 -15.39 15.00
C PHE B 32 -15.28 -15.19 13.60
N THR B 33 -16.47 -15.72 13.32
CA THR B 33 -17.08 -15.58 12.01
C THR B 33 -18.12 -14.48 11.94
N ARG B 34 -18.41 -13.78 13.05
CA ARG B 34 -19.51 -12.83 13.12
C ARG B 34 -19.07 -11.38 12.89
N PHE B 35 -18.10 -11.17 12.01
CA PHE B 35 -17.84 -9.82 11.56
C PHE B 35 -17.24 -9.91 10.17
N HIS B 36 -17.55 -8.93 9.34
CA HIS B 36 -17.07 -8.94 7.97
C HIS B 36 -17.20 -7.53 7.40
N CYS B 37 -16.59 -7.34 6.25
CA CYS B 37 -16.60 -6.03 5.61
C CYS B 37 -17.98 -5.77 5.01
N LEU B 38 -18.60 -4.67 5.43
CA LEU B 38 -19.95 -4.32 5.02
C LEU B 38 -20.01 -3.56 3.70
N TRP B 39 -18.88 -3.06 3.23
CA TRP B 39 -18.86 -2.26 2.00
C TRP B 39 -17.99 -2.90 0.93
N ASP B 40 -17.76 -4.21 1.03
CA ASP B 40 -17.04 -5.01 0.06
C ASP B 40 -17.22 -6.50 0.35
N ALA B 41 -18.04 -7.18 -0.46
CA ALA B 41 -18.36 -8.58 -0.19
C ALA B 41 -17.22 -9.53 -0.56
N SER B 42 -16.17 -9.03 -1.20
CA SER B 42 -15.00 -9.83 -1.56
C SER B 42 -13.74 -9.37 -0.82
N HIS B 43 -13.90 -8.70 0.31
CA HIS B 43 -12.73 -8.33 1.10
C HIS B 43 -12.02 -9.60 1.56
N PRO B 44 -10.69 -9.66 1.46
CA PRO B 44 -10.01 -10.95 1.68
C PRO B 44 -10.07 -11.42 3.12
N GLU B 45 -10.20 -10.52 4.09
CA GLU B 45 -10.18 -10.88 5.51
C GLU B 45 -11.63 -11.10 5.92
N CYS B 46 -12.05 -12.35 5.91
CA CYS B 46 -13.47 -12.69 5.94
C CYS B 46 -13.68 -13.91 6.83
N PRO B 47 -14.92 -14.15 7.26
CA PRO B 47 -15.17 -15.31 8.16
C PRO B 47 -14.76 -16.65 7.57
N ALA B 48 -14.88 -16.82 6.25
CA ALA B 48 -14.54 -18.10 5.63
C ALA B 48 -13.10 -18.50 5.90
N ARG B 49 -12.23 -17.54 6.21
CA ARG B 49 -10.84 -17.88 6.51
C ARG B 49 -10.77 -18.90 7.65
N VAL B 50 -11.49 -18.65 8.73
CA VAL B 50 -11.33 -19.54 9.88
C VAL B 50 -12.25 -20.75 9.83
N SER B 51 -13.45 -20.61 9.25
CA SER B 51 -14.31 -21.77 9.10
C SER B 51 -13.72 -22.78 8.13
N THR B 52 -12.99 -22.32 7.11
CA THR B 52 -12.34 -23.25 6.18
C THR B 52 -11.23 -24.02 6.89
N VAL B 53 -10.43 -23.33 7.70
CA VAL B 53 -9.41 -24.00 8.51
C VAL B 53 -10.05 -25.10 9.35
N MET B 54 -11.11 -24.74 10.09
CA MET B 54 -11.74 -25.70 11.00
C MET B 54 -12.30 -26.90 10.25
N GLU B 55 -12.86 -26.69 9.05
CA GLU B 55 -13.33 -27.80 8.24
C GLU B 55 -12.20 -28.77 7.89
N MET B 56 -11.05 -28.24 7.46
CA MET B 56 -9.96 -29.13 7.07
C MET B 56 -9.32 -29.82 8.27
N LEU B 57 -9.20 -29.12 9.40
CA LEU B 57 -8.66 -29.77 10.59
C LEU B 57 -9.52 -30.96 10.99
N GLU B 58 -10.83 -30.84 10.79
CA GLU B 58 -11.74 -31.94 11.14
C GLU B 58 -11.61 -33.09 10.15
N THR B 59 -11.60 -32.78 8.84
CA THR B 59 -11.53 -33.84 7.83
C THR B 59 -10.17 -34.54 7.82
N GLU B 60 -9.12 -33.90 8.33
CA GLU B 60 -7.82 -34.53 8.42
C GLU B 60 -7.61 -35.27 9.73
N GLY B 61 -8.62 -35.31 10.60
CA GLY B 61 -8.52 -36.00 11.86
C GLY B 61 -7.68 -35.31 12.91
N LEU B 62 -7.15 -34.11 12.62
CA LEU B 62 -6.30 -33.40 13.57
C LEU B 62 -7.10 -32.74 14.66
N LEU B 63 -8.30 -32.22 14.32
CA LEU B 63 -9.10 -31.50 15.30
C LEU B 63 -9.46 -32.37 16.49
N GLY B 64 -9.88 -33.60 16.24
CA GLY B 64 -10.23 -34.49 17.34
C GLY B 64 -9.07 -34.91 18.21
N ARG B 65 -7.83 -34.69 17.73
CA ARG B 65 -6.61 -35.06 18.45
C ARG B 65 -6.08 -33.93 19.33
N CYS B 66 -6.61 -32.71 19.20
CA CYS B 66 -6.22 -31.60 20.03
C CYS B 66 -7.09 -31.52 21.29
N VAL B 67 -6.59 -30.77 22.26
CA VAL B 67 -7.38 -30.41 23.44
C VAL B 67 -8.13 -29.13 23.13
N GLN B 68 -9.46 -29.19 23.17
CA GLN B 68 -10.27 -28.00 22.94
C GLN B 68 -10.10 -27.04 24.11
N VAL B 69 -9.68 -25.81 23.84
CA VAL B 69 -9.47 -24.81 24.88
C VAL B 69 -10.47 -23.68 24.69
N GLU B 70 -11.12 -23.28 25.77
CA GLU B 70 -12.13 -22.24 25.65
C GLU B 70 -11.49 -20.89 25.40
N ALA B 71 -12.16 -20.06 24.60
CA ALA B 71 -11.73 -18.68 24.48
C ALA B 71 -12.23 -17.87 25.68
N ARG B 72 -11.69 -16.67 25.83
CA ARG B 72 -12.22 -15.70 26.77
C ARG B 72 -12.01 -14.31 26.18
N ALA B 73 -12.71 -13.34 26.74
CA ALA B 73 -12.56 -11.95 26.31
C ALA B 73 -11.40 -11.32 27.06
N VAL B 74 -10.50 -10.66 26.34
CA VAL B 74 -9.47 -9.86 26.96
C VAL B 74 -10.13 -8.84 27.88
N THR B 75 -9.48 -8.55 29.00
CA THR B 75 -9.94 -7.50 29.90
C THR B 75 -9.35 -6.17 29.49
N GLU B 76 -9.91 -5.09 30.04
CA GLU B 76 -9.35 -3.76 29.77
C GLU B 76 -7.92 -3.63 30.29
N ASP B 77 -7.65 -4.20 31.47
CA ASP B 77 -6.31 -4.15 32.03
C ASP B 77 -5.31 -4.88 31.15
N GLU B 78 -5.70 -6.03 30.57
CA GLU B 78 -4.78 -6.74 29.69
C GLU B 78 -4.53 -5.98 28.39
N LEU B 79 -5.57 -5.37 27.83
CA LEU B 79 -5.38 -4.51 26.66
C LEU B 79 -4.38 -3.40 26.96
N LEU B 80 -4.48 -2.79 28.15
CA LEU B 80 -3.65 -1.66 28.51
C LEU B 80 -2.19 -2.02 28.67
N LEU B 81 -1.84 -3.31 28.67
CA LEU B 81 -0.44 -3.71 28.59
C LEU B 81 0.23 -3.21 27.33
N VAL B 82 -0.55 -2.82 26.31
CA VAL B 82 -0.03 -2.54 24.97
C VAL B 82 -0.65 -1.27 24.42
N HIS B 83 -1.94 -1.09 24.65
CA HIS B 83 -2.71 -0.02 24.02
C HIS B 83 -3.04 1.07 25.03
N THR B 84 -3.33 2.27 24.52
CA THR B 84 -3.70 3.41 25.35
C THR B 84 -5.17 3.34 25.76
N LYS B 85 -5.49 4.02 26.86
CA LYS B 85 -6.88 4.06 27.33
C LYS B 85 -7.77 4.74 26.29
N GLU B 86 -7.34 5.88 25.77
CA GLU B 86 -8.09 6.57 24.72
C GLU B 86 -8.41 5.66 23.54
N TYR B 87 -7.45 4.83 23.14
CA TYR B 87 -7.67 3.96 21.98
C TYR B 87 -8.60 2.81 22.33
N VAL B 88 -8.44 2.23 23.53
CA VAL B 88 -9.34 1.17 23.97
C VAL B 88 -10.78 1.67 24.05
N GLU B 89 -10.98 2.90 24.55
CA GLU B 89 -12.35 3.40 24.69
C GLU B 89 -12.98 3.73 23.34
N LEU B 90 -12.19 4.25 22.40
CA LEU B 90 -12.69 4.47 21.05
C LEU B 90 -13.10 3.16 20.39
N MET B 91 -12.24 2.15 20.46
CA MET B 91 -12.55 0.87 19.84
C MET B 91 -13.79 0.26 20.48
N LYS B 92 -13.90 0.34 21.81
CA LYS B 92 -15.09 -0.13 22.50
C LYS B 92 -16.34 0.58 21.98
N SER B 93 -16.24 1.89 21.74
CA SER B 93 -17.40 2.65 21.29
C SER B 93 -17.88 2.21 19.90
N THR B 94 -17.04 1.54 19.12
CA THR B 94 -17.45 1.15 17.77
C THR B 94 -18.62 0.18 17.77
N GLN B 95 -18.92 -0.46 18.91
CA GLN B 95 -19.97 -1.46 18.88
C GLN B 95 -21.35 -0.82 18.78
N ASN B 96 -21.47 0.48 19.09
CA ASN B 96 -22.74 1.19 18.98
C ASN B 96 -22.76 2.24 17.86
N MET B 97 -21.78 2.23 16.96
CA MET B 97 -21.74 3.21 15.89
C MET B 97 -22.58 2.77 14.71
N THR B 98 -23.27 3.74 14.11
CA THR B 98 -23.91 3.50 12.83
C THR B 98 -22.87 3.17 11.78
N GLU B 99 -23.34 2.60 10.67
CA GLU B 99 -22.41 2.17 9.64
C GLU B 99 -21.68 3.34 8.99
N GLU B 100 -22.29 4.53 9.01
CA GLU B 100 -21.61 5.72 8.51
C GLU B 100 -20.52 6.16 9.48
N GLU B 101 -20.77 6.05 10.78
CA GLU B 101 -19.74 6.36 11.75
C GLU B 101 -18.58 5.38 11.68
N LEU B 102 -18.87 4.12 11.34
CA LEU B 102 -17.82 3.11 11.26
C LEU B 102 -16.95 3.31 10.03
N LYS B 103 -17.56 3.60 8.88
CA LYS B 103 -16.78 3.88 7.69
C LYS B 103 -15.99 5.18 7.84
N THR B 104 -16.56 6.16 8.54
CA THR B 104 -15.81 7.39 8.80
C THR B 104 -14.59 7.13 9.67
N LEU B 105 -14.72 6.31 10.72
CA LEU B 105 -13.59 6.04 11.59
C LEU B 105 -12.56 5.17 10.90
N ALA B 106 -13.01 4.17 10.12
CA ALA B 106 -12.09 3.27 9.44
C ALA B 106 -11.20 4.01 8.46
N GLU B 107 -11.74 5.02 7.79
CA GLU B 107 -10.96 5.81 6.83
C GLU B 107 -9.82 6.55 7.49
N LYS B 108 -9.82 6.69 8.81
CA LYS B 108 -8.73 7.36 9.51
C LYS B 108 -7.53 6.46 9.74
N TYR B 109 -7.62 5.18 9.37
CA TYR B 109 -6.54 4.21 9.48
C TYR B 109 -6.16 3.67 8.11
N ASP B 110 -5.00 3.01 8.06
CA ASP B 110 -4.47 2.40 6.85
C ASP B 110 -4.99 0.96 6.76
N SER B 111 -5.88 0.71 5.79
CA SER B 111 -6.27 -0.64 5.35
C SER B 111 -6.98 -1.43 6.46
N VAL B 112 -8.09 -0.88 6.94
CA VAL B 112 -8.95 -1.59 7.88
C VAL B 112 -10.41 -1.33 7.49
N TYR B 113 -11.27 -2.27 7.85
CA TYR B 113 -12.70 -2.02 7.89
C TYR B 113 -13.17 -2.20 9.34
N LEU B 114 -14.37 -1.69 9.62
CA LEU B 114 -15.00 -1.83 10.93
C LEU B 114 -16.40 -2.40 10.75
N HIS B 115 -16.90 -3.06 11.79
CA HIS B 115 -18.18 -3.76 11.83
C HIS B 115 -18.64 -3.73 13.28
N PRO B 116 -19.96 -3.70 13.54
CA PRO B 116 -20.42 -3.54 14.93
C PRO B 116 -19.96 -4.64 15.87
N GLY B 117 -19.64 -5.82 15.36
CA GLY B 117 -19.13 -6.90 16.19
C GLY B 117 -17.61 -7.02 16.16
N PHE B 118 -16.92 -6.12 15.47
CA PHE B 118 -15.47 -6.21 15.37
C PHE B 118 -14.84 -6.17 16.77
N PHE B 119 -15.31 -5.24 17.62
CA PHE B 119 -14.71 -5.08 18.94
C PHE B 119 -14.84 -6.35 19.79
N SER B 120 -16.05 -6.89 19.87
CA SER B 120 -16.26 -8.11 20.67
C SER B 120 -15.43 -9.28 20.13
N SER B 121 -15.37 -9.43 18.80
CA SER B 121 -14.58 -10.50 18.21
C SER B 121 -13.09 -10.30 18.44
N ALA B 122 -12.61 -9.05 18.38
CA ALA B 122 -11.18 -8.89 18.61
C ALA B 122 -10.81 -9.12 20.07
N CYS B 123 -11.73 -8.83 20.99
CA CYS B 123 -11.47 -9.14 22.39
C CYS B 123 -11.33 -10.63 22.61
N LEU B 124 -12.16 -11.43 21.95
CA LEU B 124 -12.01 -12.89 22.03
C LEU B 124 -10.77 -13.35 21.30
N SER B 125 -10.38 -12.63 20.24
CA SER B 125 -9.18 -12.98 19.49
C SER B 125 -7.94 -12.85 20.37
N VAL B 126 -7.84 -11.75 21.11
CA VAL B 126 -6.73 -11.61 22.06
C VAL B 126 -6.81 -12.70 23.12
N GLY B 127 -8.01 -12.88 23.68
CA GLY B 127 -8.17 -13.78 24.81
C GLY B 127 -7.85 -15.22 24.47
N SER B 128 -8.14 -15.63 23.23
CA SER B 128 -7.82 -16.98 22.79
C SER B 128 -6.33 -17.26 22.96
N VAL B 129 -5.49 -16.27 22.67
CA VAL B 129 -4.05 -16.46 22.82
C VAL B 129 -3.67 -16.53 24.30
N LEU B 130 -4.26 -15.68 25.13
CA LEU B 130 -3.94 -15.72 26.56
C LEU B 130 -4.34 -17.05 27.18
N GLN B 131 -5.48 -17.59 26.77
CA GLN B 131 -5.89 -18.90 27.27
C GLN B 131 -4.81 -19.96 27.00
N LEU B 132 -4.25 -19.96 25.79
CA LEU B 132 -3.20 -20.91 25.45
C LEU B 132 -1.90 -20.61 26.20
N VAL B 133 -1.54 -19.33 26.35
CA VAL B 133 -0.35 -19.00 27.15
C VAL B 133 -0.53 -19.53 28.56
N ASP B 134 -1.76 -19.47 29.08
CA ASP B 134 -2.05 -20.03 30.40
C ASP B 134 -1.75 -21.53 30.43
N LYS B 135 -2.34 -22.28 29.50
CA LYS B 135 -2.21 -23.74 29.51
C LYS B 135 -0.75 -24.17 29.31
N VAL B 136 -0.01 -23.48 28.46
CA VAL B 136 1.35 -23.90 28.14
C VAL B 136 2.33 -23.54 29.26
N MET B 137 2.23 -22.34 29.82
CA MET B 137 3.17 -21.95 30.86
C MET B 137 2.93 -22.71 32.16
N THR B 138 1.69 -23.13 32.42
CA THR B 138 1.35 -23.96 33.57
C THR B 138 1.56 -25.45 33.29
N SER B 139 2.11 -25.78 32.12
CA SER B 139 2.44 -27.13 31.68
C SER B 139 1.22 -28.03 31.55
N GLN B 140 0.01 -27.46 31.55
CA GLN B 140 -1.18 -28.25 31.27
C GLN B 140 -1.19 -28.77 29.84
N LEU B 141 -0.55 -28.06 28.91
CA LEU B 141 -0.40 -28.52 27.54
C LEU B 141 1.04 -28.27 27.09
N ARG B 142 1.43 -28.99 26.04
CA ARG B 142 2.75 -28.80 25.46
C ARG B 142 2.82 -27.54 24.61
N ASN B 143 1.76 -27.27 23.84
CA ASN B 143 1.77 -26.17 22.88
C ASN B 143 0.33 -25.90 22.46
N GLY B 144 0.13 -25.02 21.48
CA GLY B 144 -1.24 -24.70 21.10
C GLY B 144 -1.29 -23.78 19.90
N PHE B 145 -2.51 -23.64 19.36
CA PHE B 145 -2.78 -22.88 18.15
C PHE B 145 -4.16 -22.26 18.31
N SER B 146 -4.25 -20.93 18.21
CA SER B 146 -5.55 -20.25 18.17
C SER B 146 -5.93 -19.97 16.71
N ILE B 147 -7.11 -20.45 16.31
CA ILE B 147 -7.62 -20.19 14.98
C ILE B 147 -8.48 -18.93 15.05
N ASN B 148 -7.81 -17.78 15.19
CA ASN B 148 -8.49 -16.56 15.57
C ASN B 148 -8.50 -15.54 14.43
N ARG B 149 -9.59 -14.80 14.36
CA ARG B 149 -9.62 -13.56 13.62
C ARG B 149 -10.48 -12.59 14.43
N PRO B 150 -10.20 -11.28 14.35
CA PRO B 150 -9.23 -10.60 13.49
C PRO B 150 -7.76 -10.90 13.84
N PRO B 151 -6.87 -10.70 12.87
CA PRO B 151 -5.43 -10.79 13.14
C PRO B 151 -4.94 -9.61 13.95
N GLY B 152 -3.66 -9.58 14.30
CA GLY B 152 -3.20 -8.59 15.24
C GLY B 152 -1.86 -7.91 14.99
N HIS B 153 -0.99 -8.43 14.13
CA HIS B 153 0.40 -7.98 14.24
C HIS B 153 0.64 -6.58 13.70
N HIS B 154 -0.34 -5.95 13.03
CA HIS B 154 -0.20 -4.55 12.63
C HIS B 154 -0.77 -3.56 13.65
N ALA B 155 -1.62 -4.00 14.57
CA ALA B 155 -2.22 -3.07 15.51
C ALA B 155 -1.14 -2.40 16.37
N GLN B 156 -1.37 -1.13 16.69
CA GLN B 156 -0.38 -0.33 17.37
C GLN B 156 -1.01 0.25 18.63
N ALA B 157 -0.16 0.89 19.46
CA ALA B 157 -0.61 1.36 20.76
C ALA B 157 -1.89 2.19 20.65
N ASP B 158 -1.98 3.06 19.63
CA ASP B 158 -3.13 3.96 19.54
C ASP B 158 -3.82 3.94 18.18
N LYS B 159 -3.67 2.88 17.39
CA LYS B 159 -4.25 2.89 16.04
C LYS B 159 -4.52 1.47 15.57
N MET B 160 -5.63 1.30 14.84
CA MET B 160 -5.80 0.13 13.98
C MET B 160 -4.91 0.24 12.75
N ASN B 161 -4.65 -0.92 12.14
CA ASN B 161 -3.83 -0.99 10.94
C ASN B 161 -3.95 -2.37 10.32
N GLY B 162 -4.02 -2.42 9.00
CA GLY B 162 -3.83 -3.66 8.26
C GLY B 162 -4.73 -4.79 8.73
N PHE B 163 -6.04 -4.53 8.79
CA PHE B 163 -7.08 -5.47 9.16
C PHE B 163 -7.06 -5.83 10.65
N CYS B 164 -6.29 -5.11 11.48
CA CYS B 164 -6.11 -5.41 12.89
C CYS B 164 -6.60 -4.26 13.77
N MET B 165 -7.27 -4.59 14.87
CA MET B 165 -7.59 -3.67 15.98
C MET B 165 -6.67 -3.80 17.17
N PHE B 166 -6.45 -5.01 17.69
CA PHE B 166 -5.63 -5.21 18.89
C PHE B 166 -4.50 -6.18 18.57
N ASN B 167 -3.34 -5.94 19.20
CA ASN B 167 -2.14 -6.69 18.80
C ASN B 167 -2.06 -7.95 19.66
N ASN B 168 -2.70 -9.01 19.15
CA ASN B 168 -2.89 -10.24 19.92
C ASN B 168 -1.60 -10.73 20.57
N LEU B 169 -0.54 -10.87 19.78
CA LEU B 169 0.71 -11.44 20.29
C LEU B 169 1.50 -10.46 21.15
N ALA B 170 1.48 -9.17 20.84
CA ALA B 170 2.13 -8.20 21.72
C ALA B 170 1.54 -8.24 23.12
N ILE B 171 0.20 -8.29 23.20
CA ILE B 171 -0.46 -8.43 24.49
C ILE B 171 -0.08 -9.74 25.15
N ALA B 172 -0.10 -10.83 24.38
CA ALA B 172 0.21 -12.14 24.94
C ALA B 172 1.64 -12.19 25.50
N ALA B 173 2.61 -11.62 24.78
CA ALA B 173 3.97 -11.52 25.29
C ALA B 173 4.04 -10.81 26.64
N ARG B 174 3.48 -9.60 26.72
CA ARG B 174 3.56 -8.86 27.98
C ARG B 174 2.78 -9.55 29.08
N TYR B 175 1.66 -10.18 28.72
CA TYR B 175 0.87 -10.97 29.68
C TYR B 175 1.69 -12.12 30.25
N ALA B 176 2.42 -12.84 29.39
CA ALA B 176 3.22 -13.96 29.87
C ALA B 176 4.30 -13.50 30.84
N GLN B 177 4.85 -12.31 30.62
CA GLN B 177 5.85 -11.79 31.54
C GLN B 177 5.22 -11.36 32.86
N LYS B 178 4.09 -10.66 32.80
CA LYS B 178 3.47 -10.14 34.02
C LYS B 178 2.81 -11.27 34.82
N ARG B 179 1.96 -12.06 34.15
CA ARG B 179 1.19 -13.06 34.88
C ARG B 179 1.99 -14.33 35.16
N HIS B 180 2.82 -14.77 34.21
CA HIS B 180 3.51 -16.05 34.35
C HIS B 180 4.99 -15.89 34.63
N ARG B 181 5.43 -14.65 34.92
CA ARG B 181 6.79 -14.32 35.34
C ARG B 181 7.83 -14.67 34.30
N VAL B 182 7.45 -14.75 33.02
CA VAL B 182 8.44 -15.03 32.00
C VAL B 182 9.37 -13.84 31.85
N GLN B 183 10.67 -14.11 31.76
CA GLN B 183 11.63 -13.04 31.55
C GLN B 183 11.81 -12.70 30.08
N ARG B 184 11.90 -13.70 29.20
CA ARG B 184 12.26 -13.48 27.81
C ARG B 184 11.29 -14.21 26.89
N VAL B 185 10.73 -13.49 25.92
CA VAL B 185 9.79 -14.02 24.95
C VAL B 185 10.36 -13.80 23.56
N LEU B 186 10.32 -14.83 22.73
CA LEU B 186 10.64 -14.72 21.31
C LEU B 186 9.34 -14.70 20.50
N ILE B 187 9.20 -13.71 19.62
CA ILE B 187 8.06 -13.63 18.71
C ILE B 187 8.58 -13.89 17.30
N VAL B 188 8.05 -14.91 16.64
CA VAL B 188 8.44 -15.28 15.28
C VAL B 188 7.28 -15.00 14.34
N ASP B 189 7.51 -14.13 13.35
CA ASP B 189 6.45 -13.61 12.48
C ASP B 189 6.75 -14.11 11.07
N TRP B 190 6.11 -15.21 10.65
CA TRP B 190 6.37 -15.77 9.33
C TRP B 190 5.27 -15.45 8.33
N ASP B 191 4.28 -14.65 8.75
CA ASP B 191 3.37 -13.99 7.83
C ASP B 191 4.17 -13.24 6.77
N VAL B 192 3.62 -13.16 5.55
CA VAL B 192 4.34 -12.52 4.45
C VAL B 192 4.48 -11.01 4.64
N HIS B 193 3.67 -10.42 5.49
CA HIS B 193 3.74 -8.99 5.79
C HIS B 193 4.56 -8.73 7.06
N HIS B 194 5.25 -7.60 7.07
CA HIS B 194 5.98 -7.17 8.26
C HIS B 194 5.00 -6.78 9.37
N GLY B 195 5.20 -7.32 10.57
CA GLY B 195 4.38 -6.95 11.72
C GLY B 195 4.93 -5.71 12.40
N GLN B 196 4.84 -4.57 11.71
CA GLN B 196 5.43 -3.34 12.22
C GLN B 196 4.82 -2.90 13.54
N GLY B 197 3.58 -3.32 13.82
CA GLY B 197 3.00 -3.06 15.13
C GLY B 197 3.77 -3.74 16.24
N ILE B 198 4.13 -5.01 16.05
CA ILE B 198 4.91 -5.69 17.07
C ILE B 198 6.30 -5.06 17.20
N GLN B 199 6.92 -4.73 16.07
CA GLN B 199 8.21 -4.04 16.10
C GLN B 199 8.14 -2.75 16.93
N TYR B 200 7.15 -1.90 16.66
CA TYR B 200 7.06 -0.62 17.36
C TYR B 200 6.86 -0.82 18.86
N ILE B 201 5.95 -1.73 19.24
CA ILE B 201 5.64 -1.91 20.66
C ILE B 201 6.88 -2.31 21.44
N PHE B 202 7.73 -3.16 20.86
CA PHE B 202 8.88 -3.70 21.58
C PHE B 202 10.20 -3.11 21.09
N GLU B 203 10.16 -1.97 20.38
CA GLU B 203 11.38 -1.43 19.77
C GLU B 203 12.48 -1.18 20.80
N GLU B 204 12.13 -0.67 21.97
CA GLU B 204 13.13 -0.35 22.99
C GLU B 204 13.27 -1.42 24.06
N ASP B 205 12.74 -2.61 23.82
CA ASP B 205 12.57 -3.62 24.86
C ASP B 205 13.43 -4.85 24.57
N PRO B 206 14.50 -5.09 25.33
CA PRO B 206 15.32 -6.28 25.09
C PRO B 206 14.74 -7.57 25.65
N SER B 207 13.60 -7.51 26.36
CA SER B 207 13.01 -8.71 26.93
C SER B 207 12.08 -9.43 25.97
N VAL B 208 11.76 -8.84 24.83
CA VAL B 208 10.94 -9.48 23.81
C VAL B 208 11.70 -9.36 22.49
N LEU B 209 12.13 -10.49 21.95
CA LEU B 209 12.87 -10.50 20.68
C LEU B 209 11.90 -10.71 19.53
N TYR B 210 11.84 -9.75 18.62
CA TYR B 210 10.94 -9.79 17.48
C TYR B 210 11.74 -10.12 16.23
N PHE B 211 11.34 -11.21 15.55
CA PHE B 211 11.92 -11.62 14.27
C PHE B 211 10.81 -11.72 13.24
N SER B 212 10.98 -11.01 12.12
CA SER B 212 9.99 -11.01 11.05
C SER B 212 10.68 -11.26 9.72
N VAL B 213 10.18 -12.23 8.97
CA VAL B 213 10.53 -12.43 7.57
C VAL B 213 9.33 -12.04 6.72
N HIS B 214 9.54 -11.20 5.72
CA HIS B 214 8.40 -10.58 5.04
C HIS B 214 8.83 -10.11 3.66
N ARG B 215 7.88 -10.15 2.73
CA ARG B 215 8.04 -9.51 1.43
C ARG B 215 8.22 -8.00 1.61
N TYR B 216 9.16 -7.42 0.86
CA TYR B 216 9.49 -6.02 1.07
C TYR B 216 9.64 -5.29 -0.27
N GLU B 217 10.47 -5.85 -1.15
CA GLU B 217 10.75 -5.28 -2.48
C GLU B 217 11.05 -3.78 -2.36
N ASP B 218 11.98 -3.46 -1.46
CA ASP B 218 12.54 -2.13 -1.27
C ASP B 218 11.49 -1.10 -0.88
N GLY B 219 10.32 -1.55 -0.41
CA GLY B 219 9.27 -0.65 0.05
C GLY B 219 8.06 -0.60 -0.85
N SER B 220 8.07 -1.31 -1.98
CA SER B 220 6.94 -1.29 -2.88
C SER B 220 5.81 -2.19 -2.43
N PHE B 221 6.05 -3.07 -1.44
CA PHE B 221 5.02 -3.98 -0.93
C PHE B 221 4.52 -3.47 0.42
N TRP B 222 3.21 -3.46 0.58
CA TRP B 222 2.58 -2.97 1.79
C TRP B 222 3.23 -3.63 3.02
N PRO B 223 3.46 -2.89 4.11
CA PRO B 223 3.03 -1.52 4.38
C PRO B 223 3.95 -0.36 3.92
N HIS B 224 4.90 -0.64 3.01
CA HIS B 224 5.72 0.40 2.38
C HIS B 224 6.52 1.22 3.39
N LEU B 225 7.08 0.56 4.39
CA LEU B 225 7.82 1.26 5.45
C LEU B 225 9.31 0.99 5.33
N LYS B 226 10.11 2.05 5.49
CA LYS B 226 11.55 1.86 5.53
C LYS B 226 11.95 1.08 6.77
N GLU B 227 11.20 1.21 7.85
CA GLU B 227 11.53 0.48 9.07
C GLU B 227 11.25 -1.01 8.96
N SER B 228 10.80 -1.50 7.80
CA SER B 228 10.71 -2.95 7.56
C SER B 228 12.01 -3.55 7.01
N ASP B 229 13.00 -2.73 6.70
CA ASP B 229 14.29 -3.21 6.23
C ASP B 229 15.13 -3.72 7.40
N SER B 230 16.22 -4.43 7.09
CA SER B 230 17.02 -5.06 8.16
C SER B 230 17.87 -4.06 8.93
N SER B 231 17.93 -2.81 8.49
CA SER B 231 18.64 -1.78 9.25
C SER B 231 17.88 -1.33 10.50
N SER B 232 16.63 -1.74 10.68
CA SER B 232 15.87 -1.45 11.89
C SER B 232 16.13 -2.56 12.89
N VAL B 233 17.03 -2.31 13.84
CA VAL B 233 17.47 -3.31 14.80
C VAL B 233 16.97 -3.00 16.20
N GLY B 234 16.04 -2.06 16.35
CA GLY B 234 15.59 -1.64 17.66
C GLY B 234 16.25 -0.33 18.08
N SER B 235 15.77 0.20 19.20
CA SER B 235 16.21 1.50 19.70
C SER B 235 16.61 1.37 21.17
N GLY B 236 17.64 2.13 21.55
CA GLY B 236 18.09 2.12 22.95
C GLY B 236 18.51 0.74 23.42
N ALA B 237 18.05 0.37 24.62
CA ALA B 237 18.35 -0.95 25.19
C ALA B 237 17.79 -2.10 24.36
N GLY B 238 16.90 -1.82 23.41
CA GLY B 238 16.39 -2.83 22.52
C GLY B 238 17.20 -3.04 21.27
N GLN B 239 18.23 -2.22 21.06
CA GLN B 239 19.07 -2.41 19.88
C GLN B 239 19.58 -3.84 19.85
N GLY B 240 19.33 -4.52 18.73
CA GLY B 240 19.69 -5.91 18.58
C GLY B 240 18.54 -6.89 18.78
N TYR B 241 17.44 -6.45 19.39
CA TYR B 241 16.34 -7.34 19.70
C TYR B 241 15.16 -7.17 18.75
N ASN B 242 15.42 -6.56 17.58
CA ASN B 242 14.46 -6.49 16.47
C ASN B 242 15.19 -6.91 15.20
N ILE B 243 14.70 -7.96 14.55
CA ILE B 243 15.39 -8.59 13.43
C ILE B 243 14.42 -8.74 12.27
N ASN B 244 14.65 -7.98 11.20
CA ASN B 244 13.84 -7.99 9.98
C ASN B 244 14.58 -8.70 8.87
N LEU B 245 13.94 -9.69 8.26
CA LEU B 245 14.47 -10.33 7.05
C LEU B 245 13.57 -9.98 5.88
N PRO B 246 13.92 -8.96 5.08
CA PRO B 246 13.08 -8.54 3.96
C PRO B 246 13.42 -9.28 2.67
N TRP B 247 12.40 -9.82 1.99
CA TRP B 247 12.57 -10.40 0.67
C TRP B 247 12.39 -9.32 -0.39
N ASN B 248 13.25 -9.31 -1.41
CA ASN B 248 13.15 -8.32 -2.47
C ASN B 248 12.97 -8.96 -3.85
N LYS B 249 12.47 -10.19 -3.88
CA LYS B 249 12.00 -10.83 -5.10
C LYS B 249 10.84 -11.73 -4.70
N VAL B 250 9.85 -11.85 -5.58
CA VAL B 250 8.71 -12.73 -5.31
C VAL B 250 9.12 -14.18 -5.54
N GLY B 251 8.21 -15.11 -5.24
CA GLY B 251 8.47 -16.51 -5.53
C GLY B 251 9.41 -17.27 -4.61
N MET B 252 9.66 -16.77 -3.38
CA MET B 252 10.51 -17.53 -2.45
C MET B 252 9.86 -18.87 -2.10
N GLU B 253 10.69 -19.83 -1.71
CA GLU B 253 10.26 -21.21 -1.45
C GLU B 253 10.80 -21.69 -0.11
N SER B 254 10.45 -22.93 0.23
CA SER B 254 10.83 -23.49 1.53
C SER B 254 12.33 -23.46 1.75
N GLY B 255 13.12 -23.70 0.71
CA GLY B 255 14.56 -23.67 0.88
C GLY B 255 15.06 -22.33 1.39
N ASP B 256 14.39 -21.24 1.01
CA ASP B 256 14.77 -19.90 1.46
C ASP B 256 14.35 -19.66 2.89
N TYR B 257 13.19 -20.17 3.30
CA TYR B 257 12.76 -19.99 4.69
C TYR B 257 13.58 -20.88 5.63
N ILE B 258 13.83 -22.13 5.24
CA ILE B 258 14.59 -23.04 6.09
C ILE B 258 16.02 -22.55 6.27
N THR B 259 16.66 -22.05 5.20
CA THR B 259 18.00 -21.50 5.35
C THR B 259 17.99 -20.28 6.27
N ALA B 260 16.99 -19.41 6.13
CA ALA B 260 16.91 -18.26 7.03
C ALA B 260 16.75 -18.69 8.49
N PHE B 261 15.90 -19.67 8.76
CA PHE B 261 15.72 -20.12 10.14
C PHE B 261 17.02 -20.70 10.72
N GLN B 262 17.72 -21.52 9.94
CA GLN B 262 18.92 -22.19 10.45
C GLN B 262 20.09 -21.22 10.65
N GLN B 263 20.25 -20.25 9.75
CA GLN B 263 21.45 -19.42 9.80
C GLN B 263 21.24 -18.09 10.50
N LEU B 264 20.00 -17.69 10.75
CA LEU B 264 19.73 -16.40 11.37
C LEU B 264 18.91 -16.55 12.64
N LEU B 265 17.70 -17.10 12.55
CA LEU B 265 16.79 -17.10 13.69
C LEU B 265 17.29 -18.03 14.79
N LEU B 266 17.58 -19.27 14.45
CA LEU B 266 17.89 -20.26 15.49
C LEU B 266 19.20 -19.97 16.24
N PRO B 267 20.28 -19.52 15.58
CA PRO B 267 21.46 -19.07 16.36
C PRO B 267 21.13 -17.98 17.36
N VAL B 268 20.41 -16.94 16.92
CA VAL B 268 20.01 -15.88 17.83
C VAL B 268 19.11 -16.44 18.94
N ALA B 269 18.21 -17.36 18.59
CA ALA B 269 17.27 -17.87 19.59
C ALA B 269 17.98 -18.70 20.66
N TYR B 270 18.98 -19.49 20.28
CA TYR B 270 19.75 -20.23 21.28
C TYR B 270 20.52 -19.29 22.18
N GLU B 271 21.05 -18.21 21.61
CA GLU B 271 21.78 -17.22 22.41
C GLU B 271 20.83 -16.43 23.31
N PHE B 272 19.60 -16.19 22.85
CA PHE B 272 18.64 -15.35 23.57
C PHE B 272 18.02 -16.10 24.75
N GLN B 273 17.78 -17.40 24.59
CA GLN B 273 17.22 -18.26 25.62
C GLN B 273 15.83 -17.80 26.01
N PRO B 274 14.86 -17.81 25.10
CA PRO B 274 13.49 -17.45 25.50
C PRO B 274 12.86 -18.56 26.33
N GLN B 275 11.88 -18.17 27.14
CA GLN B 275 11.12 -19.14 27.91
C GLN B 275 9.74 -19.37 27.31
N LEU B 276 9.40 -18.62 26.26
CA LEU B 276 8.16 -18.80 25.51
C LEU B 276 8.40 -18.31 24.09
N VAL B 277 7.88 -19.05 23.12
CA VAL B 277 7.90 -18.66 21.70
C VAL B 277 6.46 -18.44 21.27
N LEU B 278 6.18 -17.25 20.75
CA LEU B 278 4.89 -16.92 20.15
C LEU B 278 5.08 -16.76 18.65
N VAL B 279 4.14 -17.27 17.86
CA VAL B 279 4.28 -17.25 16.41
C VAL B 279 3.13 -16.48 15.80
N ALA B 280 3.47 -15.46 15.02
CA ALA B 280 2.53 -14.77 14.13
C ALA B 280 2.35 -15.68 12.92
N ALA B 281 1.44 -16.63 13.07
CA ALA B 281 1.24 -17.71 12.11
C ALA B 281 0.29 -17.22 11.03
N GLY B 282 0.85 -16.47 10.09
CA GLY B 282 0.14 -16.11 8.87
C GLY B 282 0.52 -17.12 7.80
N PHE B 283 -0.37 -17.30 6.83
CA PHE B 283 -0.06 -18.27 5.79
C PHE B 283 -0.25 -17.67 4.41
N ASP B 284 -0.02 -16.37 4.30
CA ASP B 284 -0.08 -15.71 3.00
C ASP B 284 1.25 -15.81 2.24
N ALA B 285 2.27 -16.46 2.79
CA ALA B 285 3.43 -16.78 1.97
C ALA B 285 3.25 -18.10 1.23
N VAL B 286 2.18 -18.84 1.51
CA VAL B 286 1.99 -20.15 0.87
C VAL B 286 1.68 -19.97 -0.61
N ILE B 287 2.05 -20.96 -1.41
CA ILE B 287 1.70 -20.99 -2.83
C ILE B 287 0.21 -20.76 -2.99
N GLY B 288 -0.16 -19.88 -3.92
CA GLY B 288 -1.54 -19.67 -4.24
C GLY B 288 -2.20 -18.53 -3.50
N ASP B 289 -1.54 -17.95 -2.51
CA ASP B 289 -2.13 -16.82 -1.82
C ASP B 289 -2.33 -15.66 -2.80
N PRO B 290 -3.48 -15.00 -2.76
CA PRO B 290 -3.70 -13.88 -3.69
C PRO B 290 -2.89 -12.64 -3.35
N LEU B 291 -2.41 -12.49 -2.12
CA LEU B 291 -1.68 -11.30 -1.70
C LEU B 291 -0.17 -11.49 -1.64
N GLY B 292 0.30 -12.66 -1.20
CA GLY B 292 1.67 -12.77 -0.74
C GLY B 292 2.72 -12.82 -1.83
N GLY B 293 2.40 -13.44 -2.96
CA GLY B 293 3.34 -13.51 -4.07
C GLY B 293 4.50 -14.48 -3.88
N MET B 294 4.44 -15.36 -2.90
CA MET B 294 5.53 -16.29 -2.63
C MET B 294 5.12 -17.70 -3.07
N GLN B 295 6.06 -18.63 -2.95
CA GLN B 295 5.90 -20.00 -3.45
C GLN B 295 6.26 -21.03 -2.39
N VAL B 296 5.88 -20.76 -1.14
CA VAL B 296 6.24 -21.65 -0.04
C VAL B 296 5.25 -22.79 0.02
N SER B 297 5.74 -24.02 0.05
CA SER B 297 4.86 -25.16 0.20
CA SER B 297 4.86 -25.16 0.20
C SER B 297 4.25 -25.18 1.61
N PRO B 298 3.00 -25.64 1.74
CA PRO B 298 2.43 -25.74 3.10
C PRO B 298 3.24 -26.66 3.99
N GLU B 299 3.86 -27.71 3.41
CA GLU B 299 4.72 -28.60 4.19
C GLU B 299 5.84 -27.85 4.91
N CYS B 300 6.31 -26.74 4.33
CA CYS B 300 7.40 -26.00 4.93
C CYS B 300 7.09 -25.63 6.38
N PHE B 301 5.83 -25.29 6.66
CA PHE B 301 5.46 -24.85 8.00
C PHE B 301 5.47 -25.99 9.02
N SER B 302 5.36 -27.24 8.57
CA SER B 302 5.69 -28.35 9.46
C SER B 302 7.14 -28.24 9.93
N ILE B 303 8.06 -28.02 8.99
CA ILE B 303 9.49 -27.93 9.34
C ILE B 303 9.76 -26.73 10.22
N LEU B 304 9.25 -25.55 9.82
CA LEU B 304 9.45 -24.35 10.63
C LEU B 304 8.89 -24.53 12.03
N THR B 305 7.71 -25.13 12.15
CA THR B 305 7.16 -25.38 13.47
C THR B 305 8.03 -26.35 14.24
N HIS B 306 8.51 -27.41 13.57
CA HIS B 306 9.38 -28.37 14.25
C HIS B 306 10.61 -27.70 14.82
N MET B 307 11.28 -26.86 14.02
CA MET B 307 12.45 -26.15 14.51
C MET B 307 12.18 -25.43 15.81
N LEU B 308 11.08 -24.67 15.86
CA LEU B 308 10.79 -23.86 17.05
C LEU B 308 10.45 -24.73 18.26
N LYS B 309 10.01 -25.97 18.05
CA LYS B 309 9.79 -26.85 19.21
C LYS B 309 11.08 -27.16 19.96
N GLY B 310 12.22 -27.03 19.30
CA GLY B 310 13.50 -27.19 19.97
C GLY B 310 13.90 -26.02 20.84
N VAL B 311 13.10 -24.96 20.83
CA VAL B 311 13.39 -23.73 21.57
C VAL B 311 12.46 -23.66 22.78
N ALA B 312 12.97 -23.13 23.89
CA ALA B 312 12.17 -22.86 25.08
C ALA B 312 11.44 -24.10 25.60
N GLN B 313 12.05 -25.28 25.46
CA GLN B 313 11.44 -26.56 25.90
C GLN B 313 10.10 -26.83 25.21
N GLY B 314 9.94 -26.35 23.99
CA GLY B 314 8.70 -26.58 23.28
C GLY B 314 7.52 -25.74 23.74
N ARG B 315 7.73 -24.77 24.63
CA ARG B 315 6.64 -23.90 25.07
C ARG B 315 6.31 -22.95 23.93
N LEU B 316 5.29 -23.30 23.14
CA LEU B 316 5.10 -22.73 21.81
C LEU B 316 3.61 -22.49 21.58
N VAL B 317 3.24 -21.27 21.21
CA VAL B 317 1.86 -20.92 20.90
C VAL B 317 1.85 -20.24 19.54
N LEU B 318 0.98 -20.71 18.65
CA LEU B 318 0.74 -20.12 17.34
C LEU B 318 -0.60 -19.40 17.34
N ALA B 319 -0.65 -18.23 16.71
CA ALA B 319 -1.89 -17.47 16.57
C ALA B 319 -2.06 -17.04 15.12
N LEU B 320 -3.26 -17.21 14.59
CA LEU B 320 -3.49 -17.00 13.16
C LEU B 320 -3.37 -15.53 12.80
N GLU B 321 -2.57 -15.22 11.77
CA GLU B 321 -2.49 -13.84 11.32
C GLU B 321 -3.16 -13.75 9.95
N GLY B 322 -2.38 -13.55 8.88
CA GLY B 322 -2.92 -13.48 7.54
C GLY B 322 -2.99 -14.81 6.82
N GLY B 323 -3.21 -14.73 5.51
CA GLY B 323 -3.44 -15.91 4.71
C GLY B 323 -4.86 -15.89 4.14
N TYR B 324 -4.97 -15.83 2.82
CA TYR B 324 -6.23 -15.44 2.20
C TYR B 324 -6.73 -16.40 1.13
N ASN B 325 -5.92 -17.34 0.67
CA ASN B 325 -6.42 -18.46 -0.12
C ASN B 325 -6.98 -19.46 0.87
N LEU B 326 -8.30 -19.63 0.86
CA LEU B 326 -8.95 -20.41 1.92
C LEU B 326 -8.37 -21.82 2.01
N GLN B 327 -8.06 -22.44 0.86
CA GLN B 327 -7.51 -23.78 0.90
C GLN B 327 -6.02 -23.78 1.27
N SER B 328 -5.26 -22.82 0.77
CA SER B 328 -3.82 -22.80 1.08
C SER B 328 -3.59 -22.53 2.57
N THR B 329 -4.29 -21.55 3.12
CA THR B 329 -4.18 -21.24 4.54
C THR B 329 -4.57 -22.43 5.41
N ALA B 330 -5.65 -23.13 5.05
CA ALA B 330 -6.05 -24.32 5.81
C ALA B 330 -4.94 -25.38 5.81
N GLU B 331 -4.38 -25.66 4.64
CA GLU B 331 -3.27 -26.61 4.53
C GLU B 331 -2.07 -26.17 5.35
N GLY B 332 -1.73 -24.87 5.32
CA GLY B 332 -0.66 -24.38 6.15
C GLY B 332 -0.92 -24.61 7.63
N VAL B 333 -2.16 -24.36 8.07
CA VAL B 333 -2.51 -24.60 9.46
C VAL B 333 -2.36 -26.10 9.77
N CYS B 334 -2.86 -26.95 8.89
CA CYS B 334 -2.77 -28.39 9.14
C CYS B 334 -1.32 -28.87 9.21
N ALA B 335 -0.44 -28.30 8.38
CA ALA B 335 0.96 -28.72 8.43
C ALA B 335 1.63 -28.32 9.74
N SER B 336 1.33 -27.11 10.23
CA SER B 336 1.85 -26.70 11.53
C SER B 336 1.27 -27.57 12.64
N MET B 337 -0.05 -27.80 12.59
CA MET B 337 -0.70 -28.60 13.63
C MET B 337 -0.10 -29.98 13.73
N ARG B 338 0.19 -30.60 12.59
CA ARG B 338 0.82 -31.92 12.60
C ARG B 338 2.12 -31.90 13.39
N SER B 339 2.95 -30.88 13.17
CA SER B 339 4.19 -30.79 13.94
CA SER B 339 4.19 -30.77 13.93
C SER B 339 3.91 -30.51 15.40
N LEU B 340 2.95 -29.63 15.70
CA LEU B 340 2.60 -29.42 17.11
C LEU B 340 2.20 -30.73 17.77
N LEU B 341 1.48 -31.59 17.04
CA LEU B 341 1.03 -32.87 17.58
C LEU B 341 2.14 -33.92 17.64
N GLY B 342 3.29 -33.67 17.02
CA GLY B 342 4.39 -34.61 17.04
C GLY B 342 4.40 -35.63 15.92
N ASP B 343 3.59 -35.43 14.88
CA ASP B 343 3.61 -36.32 13.73
C ASP B 343 4.92 -36.16 12.95
N PRO B 344 5.35 -37.19 12.24
CA PRO B 344 6.61 -37.09 11.50
C PRO B 344 6.56 -35.96 10.47
N CYS B 345 7.71 -35.31 10.28
CA CYS B 345 7.78 -34.23 9.31
C CYS B 345 7.51 -34.75 7.91
N PRO B 346 6.94 -33.94 7.04
CA PRO B 346 6.57 -34.42 5.70
C PRO B 346 7.77 -34.31 4.76
N HIS B 347 7.58 -34.91 3.58
CA HIS B 347 8.52 -34.69 2.50
C HIS B 347 8.35 -33.26 1.99
N LEU B 348 9.47 -32.56 1.83
CA LEU B 348 9.45 -31.26 1.18
C LEU B 348 9.49 -31.43 -0.33
N PRO B 349 8.49 -30.94 -1.07
CA PRO B 349 8.52 -31.11 -2.53
C PRO B 349 9.59 -30.29 -3.23
N SER B 350 10.10 -29.24 -2.61
CA SER B 350 10.97 -28.28 -3.28
C SER B 350 12.42 -28.49 -2.90
N SER B 351 13.32 -27.92 -3.70
CA SER B 351 14.74 -28.09 -3.43
C SER B 351 15.11 -27.45 -2.10
N GLY B 352 16.17 -27.97 -1.49
CA GLY B 352 16.66 -27.37 -0.27
C GLY B 352 17.66 -26.25 -0.44
N ALA B 353 18.00 -25.86 -1.68
CA ALA B 353 19.00 -24.82 -1.92
C ALA B 353 18.32 -23.45 -1.99
N PRO B 354 18.73 -22.49 -1.15
CA PRO B 354 18.16 -21.14 -1.25
C PRO B 354 18.61 -20.45 -2.52
N CYS B 355 17.74 -19.57 -3.04
CA CYS B 355 18.08 -18.80 -4.23
C CYS B 355 19.01 -17.64 -3.87
N GLU B 356 19.61 -17.06 -4.91
CA GLU B 356 20.55 -15.97 -4.73
C GLU B 356 19.94 -14.79 -4.00
N SER B 357 18.75 -14.36 -4.40
CA SER B 357 18.12 -13.19 -3.76
C SER B 357 17.91 -13.42 -2.26
N ALA B 358 17.47 -14.63 -1.89
CA ALA B 358 17.31 -14.95 -0.47
C ALA B 358 18.63 -14.89 0.28
N LEU B 359 19.70 -15.43 -0.31
CA LEU B 359 21.00 -15.36 0.36
C LEU B 359 21.46 -13.93 0.51
N LYS B 360 21.17 -13.09 -0.48
CA LYS B 360 21.48 -11.66 -0.37
C LYS B 360 20.76 -11.05 0.84
N SER B 361 19.45 -11.31 0.95
CA SER B 361 18.71 -10.76 2.08
C SER B 361 19.22 -11.31 3.40
N ILE B 362 19.49 -12.61 3.46
CA ILE B 362 19.95 -13.23 4.71
C ILE B 362 21.32 -12.69 5.10
N SER B 363 22.25 -12.68 4.14
CA SER B 363 23.57 -12.11 4.41
C SER B 363 23.47 -10.70 4.96
N LYS B 364 22.60 -9.87 4.38
CA LYS B 364 22.51 -8.47 4.81
C LYS B 364 21.95 -8.34 6.22
N THR B 365 20.88 -9.08 6.53
CA THR B 365 20.38 -9.07 7.90
C THR B 365 21.45 -9.51 8.89
N ILE B 366 22.20 -10.57 8.55
CA ILE B 366 23.26 -11.02 9.45
C ILE B 366 24.28 -9.92 9.65
N SER B 367 24.62 -9.20 8.57
CA SER B 367 25.59 -8.11 8.68
C SER B 367 25.05 -6.98 9.57
N ASP B 368 23.75 -6.69 9.46
CA ASP B 368 23.17 -5.62 10.26
C ASP B 368 23.10 -5.99 11.73
N LEU B 369 22.95 -7.28 12.05
CA LEU B 369 22.78 -7.74 13.42
C LEU B 369 24.08 -8.24 14.03
N TYR B 370 25.14 -8.31 13.22
CA TYR B 370 26.46 -8.78 13.65
C TYR B 370 26.94 -8.15 14.96
N PRO B 371 26.97 -6.83 15.14
CA PRO B 371 27.52 -6.29 16.40
C PRO B 371 26.73 -6.66 17.66
N PHE B 372 25.56 -7.32 17.53
CA PHE B 372 24.71 -7.61 18.68
C PHE B 372 24.67 -9.07 19.08
N TRP B 373 25.00 -10.01 18.19
CA TRP B 373 24.83 -11.44 18.48
C TRP B 373 26.12 -12.16 18.13
N LYS B 374 26.81 -12.66 19.16
CA LYS B 374 28.06 -13.39 18.95
C LYS B 374 27.87 -14.56 17.99
N SER B 375 26.74 -15.26 18.10
CA SER B 375 26.50 -16.44 17.27
C SER B 375 26.40 -16.14 15.78
N LEU B 376 26.32 -14.87 15.40
CA LEU B 376 26.29 -14.53 13.97
C LEU B 376 27.68 -14.13 13.48
#